data_2AKO
#
_entry.id   2AKO
#
_cell.length_a   98.597
_cell.length_b   99.409
_cell.length_c   124.547
_cell.angle_alpha   90.00
_cell.angle_beta   90.00
_cell.angle_gamma   90.00
#
_symmetry.space_group_name_H-M   'P 21 21 21'
#
loop_
_entity.id
_entity.type
_entity.pdbx_description
1 polymer 'Glutamate 5-kinase'
2 non-polymer "ADENOSINE-5'-DIPHOSPHATE"
3 water water
#
_entity_poly.entity_id   1
_entity_poly.type   'polypeptide(L)'
_entity_poly.pdbx_seq_one_letter_code
;(MSE)KRIVVKVGSHVISEENTLSFERLKNLVAFLAKL(MSE)EKYEVILVTSAAISAGHTKLDIDRKNLINKQVLAAIG
QPFLISVYNELLAKFNKLGGQILLTGKDFDSRKATKHAKNAID(MSE)(MSE)INLGILPIINENDATAIEEIVFGDNDS
LSAYATHFFDADLLVILSDIDGFYDKNPSEFSDAKRLEKITHIKEEWLQATIKTGSEHGTGGIVTKLKAAKFLLEHNKK
(MSE)FLASGFDLSVAKTFLLEDKQIGGTLFE
;
_entity_poly.pdbx_strand_id   A,B,C,D
#
loop_
_chem_comp.id
_chem_comp.type
_chem_comp.name
_chem_comp.formula
ADP non-polymer ADENOSINE-5'-DIPHOSPHATE 'C10 H15 N5 O10 P2'
#
# COMPACT_ATOMS: atom_id res chain seq x y z
N LYS A 2 -23.82 -32.63 22.74
CA LYS A 2 -24.17 -31.80 21.56
C LYS A 2 -23.08 -30.73 21.34
N ARG A 3 -22.58 -30.72 20.13
CA ARG A 3 -21.55 -29.82 19.73
C ARG A 3 -22.14 -28.98 18.62
N ILE A 4 -21.86 -27.68 18.67
CA ILE A 4 -22.37 -26.79 17.64
C ILE A 4 -21.21 -26.00 17.02
N VAL A 5 -21.36 -25.66 15.74
CA VAL A 5 -20.50 -24.66 15.13
C VAL A 5 -21.30 -23.37 14.97
N VAL A 6 -20.71 -22.28 15.46
CA VAL A 6 -21.23 -20.93 15.26
C VAL A 6 -20.36 -20.17 14.26
N LYS A 7 -20.97 -19.72 13.18
CA LYS A 7 -20.29 -18.94 12.16
C LYS A 7 -20.82 -17.52 12.16
N VAL A 8 -19.90 -16.55 12.24
CA VAL A 8 -20.26 -15.13 12.20
C VAL A 8 -19.59 -14.50 10.99
N GLY A 9 -20.39 -13.86 10.17
CA GLY A 9 -19.89 -13.18 8.99
C GLY A 9 -19.24 -11.84 9.27
N SER A 10 -18.69 -11.25 8.22
CA SER A 10 -17.95 -10.00 8.36
C SER A 10 -18.80 -8.85 8.89
N HIS A 11 -19.95 -8.63 8.25
N HIS A 11 -19.95 -8.59 8.28
CA HIS A 11 -20.87 -7.54 8.60
CA HIS A 11 -20.77 -7.45 8.67
C HIS A 11 -21.28 -7.59 10.08
C HIS A 11 -21.33 -7.57 10.09
N VAL A 12 -21.47 -8.80 10.60
CA VAL A 12 -21.92 -8.99 11.98
C VAL A 12 -20.94 -8.40 12.98
N ILE A 13 -19.64 -8.53 12.73
CA ILE A 13 -18.66 -8.05 13.69
C ILE A 13 -17.87 -6.83 13.22
N SER A 14 -18.20 -6.28 12.06
CA SER A 14 -17.55 -5.05 11.63
C SER A 14 -18.47 -4.02 10.96
N GLU A 15 -18.13 -2.75 11.17
CA GLU A 15 -18.67 -1.65 10.37
C GLU A 15 -17.70 -1.53 9.19
N GLU A 16 -17.90 -0.55 8.31
CA GLU A 16 -17.06 -0.47 7.11
C GLU A 16 -15.65 0.01 7.38
N ASN A 17 -15.44 0.83 8.42
CA ASN A 17 -14.11 1.35 8.72
C ASN A 17 -13.57 0.95 10.09
N THR A 18 -14.37 0.23 10.88
CA THR A 18 -13.92 -0.27 12.18
C THR A 18 -14.53 -1.65 12.49
N LEU A 19 -14.08 -2.24 13.59
CA LEU A 19 -14.70 -3.44 14.14
C LEU A 19 -15.84 -2.99 15.04
N SER A 20 -16.91 -3.78 15.10
CA SER A 20 -18.03 -3.46 15.98
C SER A 20 -17.81 -4.10 17.35
N PHE A 21 -17.22 -3.34 18.26
CA PHE A 21 -16.99 -3.84 19.62
C PHE A 21 -18.29 -4.14 20.37
N GLU A 22 -19.30 -3.30 20.18
CA GLU A 22 -20.64 -3.56 20.69
C GLU A 22 -21.15 -4.95 20.24
N ARG A 23 -21.04 -5.28 18.97
CA ARG A 23 -21.53 -6.57 18.49
C ARG A 23 -20.59 -7.74 18.86
N LEU A 24 -19.28 -7.48 18.90
CA LEU A 24 -18.32 -8.50 19.32
C LEU A 24 -18.51 -8.84 20.79
N LYS A 25 -18.65 -7.81 21.64
CA LYS A 25 -18.97 -8.01 23.06
C LYS A 25 -20.23 -8.84 23.25
N ASN A 26 -21.29 -8.51 22.53
CA ASN A 26 -22.54 -9.25 22.64
C ASN A 26 -22.40 -10.70 22.19
N LEU A 27 -21.65 -10.90 21.12
CA LEU A 27 -21.40 -12.24 20.59
C LEU A 27 -20.62 -13.09 21.60
N VAL A 28 -19.58 -12.49 22.18
CA VAL A 28 -18.71 -13.21 23.09
C VAL A 28 -19.45 -13.60 24.37
N ALA A 29 -20.29 -12.71 24.89
CA ALA A 29 -21.14 -13.04 26.04
C ALA A 29 -22.07 -14.20 25.70
N PHE A 30 -22.62 -14.19 24.49
CA PHE A 30 -23.49 -15.27 24.01
C PHE A 30 -22.71 -16.60 23.91
N LEU A 31 -21.51 -16.57 23.35
CA LEU A 31 -20.66 -17.75 23.23
C LEU A 31 -20.26 -18.34 24.60
N ALA A 32 -19.98 -17.47 25.56
CA ALA A 32 -19.67 -17.90 26.92
C ALA A 32 -20.83 -18.70 27.52
N LYS A 33 -22.05 -18.24 27.29
CA LYS A 33 -23.25 -18.95 27.75
C LYS A 33 -23.47 -20.25 26.99
N LEU A 34 -23.31 -20.21 25.66
CA LEU A 34 -23.40 -21.41 24.86
C LEU A 34 -22.42 -22.48 25.32
N MSE A 35 -21.22 -22.07 25.73
CA MSE A 35 -20.16 -22.99 26.15
C MSE A 35 -20.48 -23.76 27.45
O MSE A 35 -19.91 -24.82 27.69
CB MSE A 35 -18.84 -22.23 26.31
CG MSE A 35 -18.26 -21.79 24.97
SE MSE A 35 -16.53 -20.91 25.06
CE MSE A 35 -16.87 -19.30 25.71
N GLU A 36 -21.40 -23.23 28.26
CA GLU A 36 -21.87 -23.93 29.45
C GLU A 36 -22.86 -25.04 29.10
N LYS A 37 -23.54 -24.91 27.97
CA LYS A 37 -24.57 -25.86 27.54
C LYS A 37 -24.10 -26.81 26.40
N TYR A 38 -23.23 -26.33 25.53
CA TYR A 38 -22.74 -27.12 24.39
C TYR A 38 -21.21 -27.11 24.30
N GLU A 39 -20.68 -28.02 23.49
CA GLU A 39 -19.33 -27.87 22.95
C GLU A 39 -19.44 -26.92 21.76
N VAL A 40 -18.60 -25.89 21.73
CA VAL A 40 -18.77 -24.80 20.76
C VAL A 40 -17.50 -24.59 19.94
N ILE A 41 -17.68 -24.53 18.62
CA ILE A 41 -16.61 -24.14 17.69
C ILE A 41 -17.06 -22.85 17.02
N LEU A 42 -16.21 -21.82 17.02
CA LEU A 42 -16.50 -20.55 16.35
C LEU A 42 -15.76 -20.49 15.00
N VAL A 43 -16.48 -20.11 13.95
CA VAL A 43 -15.87 -19.79 12.68
C VAL A 43 -16.10 -18.29 12.50
N THR A 44 -15.01 -17.54 12.43
CA THR A 44 -15.08 -16.09 12.32
C THR A 44 -14.57 -15.60 10.97
N SER A 45 -15.16 -14.50 10.53
CA SER A 45 -14.61 -13.77 9.41
C SER A 45 -14.09 -12.43 9.99
N ALA A 46 -13.92 -11.43 9.12
CA ALA A 46 -13.54 -10.08 9.52
C ALA A 46 -12.04 -9.83 9.77
N ALA A 47 -11.18 -10.77 9.38
CA ALA A 47 -9.73 -10.55 9.45
C ALA A 47 -9.33 -9.38 8.56
N ILE A 48 -9.99 -9.25 7.42
CA ILE A 48 -9.71 -8.19 6.48
C ILE A 48 -10.08 -6.82 7.07
N SER A 49 -11.26 -6.73 7.67
CA SER A 49 -11.69 -5.49 8.35
C SER A 49 -10.67 -5.11 9.37
N ALA A 50 -10.29 -6.09 10.18
CA ALA A 50 -9.34 -5.87 11.25
C ALA A 50 -8.01 -5.35 10.69
N GLY A 51 -7.49 -6.00 9.66
CA GLY A 51 -6.26 -5.56 9.03
C GLY A 51 -6.35 -4.15 8.44
N HIS A 52 -7.53 -3.81 7.90
CA HIS A 52 -7.76 -2.51 7.30
C HIS A 52 -7.65 -1.40 8.35
N THR A 53 -8.01 -1.68 9.60
CA THR A 53 -7.80 -0.72 10.70
C THR A 53 -6.31 -0.42 10.92
N LYS A 54 -5.43 -1.33 10.51
CA LYS A 54 -3.98 -1.18 10.67
C LYS A 54 -3.32 -0.64 9.39
N LEU A 55 -3.91 -0.92 8.25
CA LEU A 55 -3.37 -0.49 6.97
C LEU A 55 -4.49 -0.14 6.00
N ASP A 56 -4.54 1.15 5.66
CA ASP A 56 -5.59 1.72 4.82
C ASP A 56 -5.22 1.56 3.35
N ILE A 57 -5.43 0.36 2.82
CA ILE A 57 -5.32 0.10 1.38
C ILE A 57 -6.64 -0.48 0.90
N ASP A 58 -6.94 -0.28 -0.36
CA ASP A 58 -8.23 -0.67 -0.93
C ASP A 58 -8.44 -2.19 -0.86
N ARG A 59 -9.70 -2.58 -0.68
CA ARG A 59 -10.09 -3.98 -0.50
C ARG A 59 -10.56 -4.69 -1.77
N LYS A 60 -10.64 -3.99 -2.91
CA LYS A 60 -11.17 -4.59 -4.13
C LYS A 60 -10.27 -5.67 -4.70
N ASN A 61 -8.97 -5.39 -4.77
CA ASN A 61 -7.99 -6.34 -5.26
C ASN A 61 -7.86 -7.50 -4.29
N LEU A 62 -7.91 -8.71 -4.82
CA LEU A 62 -7.81 -9.95 -4.06
C LEU A 62 -6.52 -10.07 -3.26
N ILE A 63 -5.40 -9.75 -3.88
CA ILE A 63 -4.10 -9.86 -3.22
C ILE A 63 -4.00 -8.85 -2.06
N ASN A 64 -4.61 -7.67 -2.24
CA ASN A 64 -4.76 -6.72 -1.12
C ASN A 64 -5.53 -7.33 0.04
N LYS A 65 -6.60 -8.07 -0.28
CA LYS A 65 -7.40 -8.74 0.75
C LYS A 65 -6.58 -9.77 1.53
N GLN A 66 -5.78 -10.58 0.83
CA GLN A 66 -4.84 -11.52 1.49
C GLN A 66 -3.87 -10.83 2.46
N VAL A 67 -3.31 -9.70 2.02
CA VAL A 67 -2.38 -8.95 2.87
C VAL A 67 -3.08 -8.42 4.11
N LEU A 68 -4.27 -7.84 3.90
CA LEU A 68 -5.04 -7.30 5.02
C LEU A 68 -5.43 -8.41 6.00
N ALA A 69 -5.77 -9.58 5.46
CA ALA A 69 -6.08 -10.75 6.30
C ALA A 69 -4.87 -11.19 7.11
N ALA A 70 -3.69 -11.15 6.51
CA ALA A 70 -2.46 -11.57 7.20
C ALA A 70 -2.14 -10.67 8.39
N ILE A 71 -2.37 -9.38 8.20
CA ILE A 71 -2.20 -8.40 9.25
C ILE A 71 -3.33 -8.47 10.27
N GLY A 72 -4.55 -8.71 9.80
CA GLY A 72 -5.72 -8.59 10.64
C GLY A 72 -6.04 -9.80 11.50
N GLN A 73 -5.75 -10.98 10.97
CA GLN A 73 -6.11 -12.24 11.65
C GLN A 73 -5.59 -12.33 13.09
N PRO A 74 -4.26 -12.19 13.29
CA PRO A 74 -3.81 -12.26 14.69
C PRO A 74 -4.39 -11.15 15.59
N PHE A 75 -4.58 -9.96 15.07
CA PHE A 75 -5.20 -8.90 15.85
C PHE A 75 -6.66 -9.22 16.23
N LEU A 76 -7.41 -9.78 15.29
CA LEU A 76 -8.79 -10.20 15.52
C LEU A 76 -8.85 -11.24 16.65
N ILE A 77 -7.92 -12.18 16.65
CA ILE A 77 -7.86 -13.19 17.71
C ILE A 77 -7.56 -12.53 19.06
N SER A 78 -6.63 -11.59 19.08
CA SER A 78 -6.30 -10.84 20.31
C SER A 78 -7.54 -10.11 20.84
N VAL A 79 -8.35 -9.53 19.96
CA VAL A 79 -9.63 -8.92 20.38
C VAL A 79 -10.61 -9.93 20.98
N TYR A 80 -10.76 -11.10 20.35
CA TYR A 80 -11.61 -12.14 20.92
C TYR A 80 -11.10 -12.57 22.30
N ASN A 81 -9.78 -12.69 22.44
CA ASN A 81 -9.19 -13.10 23.71
C ASN A 81 -9.35 -12.09 24.84
N GLU A 82 -9.25 -10.79 24.54
CA GLU A 82 -9.48 -9.81 25.59
C GLU A 82 -10.95 -9.82 26.05
N LEU A 83 -11.87 -10.05 25.11
CA LEU A 83 -13.29 -10.11 25.45
C LEU A 83 -13.67 -11.39 26.20
N LEU A 84 -13.05 -12.50 25.82
CA LEU A 84 -13.25 -13.79 26.47
C LEU A 84 -12.68 -13.79 27.87
N ALA A 85 -11.62 -13.02 28.10
CA ALA A 85 -11.01 -12.88 29.42
C ALA A 85 -12.02 -12.47 30.48
N LYS A 86 -13.06 -11.72 30.09
CA LYS A 86 -14.13 -11.34 31.00
C LYS A 86 -14.84 -12.53 31.62
N PHE A 87 -14.86 -13.66 30.89
CA PHE A 87 -15.52 -14.87 31.34
C PHE A 87 -14.51 -15.95 31.64
N ASN A 88 -13.25 -15.55 31.83
CA ASN A 88 -12.20 -16.49 32.17
C ASN A 88 -12.07 -17.60 31.12
N LYS A 89 -12.20 -17.22 29.85
CA LYS A 89 -12.03 -18.14 28.73
C LYS A 89 -10.82 -17.74 27.87
N LEU A 90 -10.23 -18.73 27.18
CA LEU A 90 -9.22 -18.51 26.14
C LEU A 90 -9.77 -18.96 24.80
N GLY A 91 -9.21 -18.37 23.74
CA GLY A 91 -9.54 -18.75 22.37
C GLY A 91 -8.29 -19.23 21.66
N GLY A 92 -8.42 -20.26 20.84
CA GLY A 92 -7.31 -20.78 20.05
C GLY A 92 -7.55 -20.60 18.57
N GLN A 93 -6.51 -20.16 17.85
CA GLN A 93 -6.58 -19.90 16.42
C GLN A 93 -6.36 -21.18 15.65
N ILE A 94 -7.25 -21.44 14.71
CA ILE A 94 -7.16 -22.51 13.72
C ILE A 94 -7.37 -21.91 12.34
N LEU A 95 -6.42 -22.10 11.43
CA LEU A 95 -6.60 -21.70 10.03
C LEU A 95 -6.69 -22.92 9.16
N LEU A 96 -7.74 -22.95 8.34
CA LEU A 96 -8.12 -24.10 7.52
C LEU A 96 -8.51 -23.62 6.12
N THR A 97 -8.47 -24.53 5.16
CA THR A 97 -9.01 -24.28 3.84
C THR A 97 -9.92 -25.45 3.48
N GLY A 98 -10.75 -25.25 2.47
CA GLY A 98 -11.59 -26.30 1.94
C GLY A 98 -10.82 -27.52 1.50
N LYS A 99 -9.65 -27.30 0.90
CA LYS A 99 -8.78 -28.41 0.49
C LYS A 99 -8.25 -29.20 1.66
N ASP A 100 -7.97 -28.55 2.79
CA ASP A 100 -7.56 -29.29 4.00
C ASP A 100 -8.58 -30.39 4.32
N PHE A 101 -9.85 -30.11 4.06
CA PHE A 101 -10.92 -31.05 4.37
C PHE A 101 -10.99 -32.26 3.42
N ASP A 102 -10.35 -32.17 2.25
CA ASP A 102 -10.17 -33.36 1.40
C ASP A 102 -9.08 -34.29 1.95
N SER A 103 -8.20 -33.78 2.81
CA SER A 103 -7.08 -34.53 3.34
C SER A 103 -7.40 -35.17 4.69
N ARG A 104 -7.36 -36.50 4.72
CA ARG A 104 -7.58 -37.25 5.96
C ARG A 104 -6.59 -36.86 7.05
N LYS A 105 -5.33 -36.74 6.67
CA LYS A 105 -4.26 -36.40 7.60
C LYS A 105 -4.44 -34.99 8.20
N ALA A 106 -4.68 -34.01 7.34
CA ALA A 106 -4.83 -32.61 7.78
C ALA A 106 -6.06 -32.44 8.66
N THR A 107 -7.17 -33.05 8.24
CA THR A 107 -8.41 -33.03 9.00
C THR A 107 -8.26 -33.68 10.38
N LYS A 108 -7.56 -34.82 10.43
CA LYS A 108 -7.35 -35.55 11.68
C LYS A 108 -6.51 -34.73 12.67
N HIS A 109 -5.41 -34.17 12.19
CA HIS A 109 -4.62 -33.28 13.06
C HIS A 109 -5.44 -32.11 13.57
N ALA A 110 -6.28 -31.52 12.71
CA ALA A 110 -7.09 -30.37 13.14
C ALA A 110 -8.12 -30.80 14.18
N LYS A 111 -8.74 -31.96 13.94
CA LYS A 111 -9.77 -32.47 14.87
C LYS A 111 -9.16 -32.81 16.23
N ASN A 112 -7.95 -33.34 16.24
CA ASN A 112 -7.23 -33.63 17.49
C ASN A 112 -7.07 -32.40 18.36
N ALA A 113 -6.57 -31.34 17.75
CA ALA A 113 -6.38 -30.05 18.43
C ALA A 113 -7.71 -29.47 18.93
N ILE A 114 -8.71 -29.48 18.07
CA ILE A 114 -10.03 -28.94 18.40
C ILE A 114 -10.71 -29.72 19.53
N ASP A 115 -10.71 -31.05 19.44
CA ASP A 115 -11.26 -31.92 20.48
C ASP A 115 -10.60 -31.64 21.83
N MSE A 116 -9.28 -31.51 21.84
CA MSE A 116 -8.55 -31.24 23.09
C MSE A 116 -8.83 -29.85 23.66
O MSE A 116 -8.97 -29.69 24.88
CB MSE A 116 -7.04 -31.44 22.91
CG MSE A 116 -6.24 -31.40 24.21
SE MSE A 116 -6.76 -32.85 25.44
CE MSE A 116 -7.54 -31.92 26.84
N MSE A 117 -8.91 -28.84 22.79
CA MSE A 117 -9.31 -27.49 23.20
C MSE A 117 -10.67 -27.50 23.88
O MSE A 117 -10.84 -26.93 24.94
CB MSE A 117 -9.38 -26.56 21.99
CG MSE A 117 -8.10 -25.81 21.71
SE MSE A 117 -8.10 -24.86 19.98
CE MSE A 117 -7.07 -26.03 18.97
N ILE A 118 -11.63 -28.13 23.22
CA ILE A 118 -12.97 -28.27 23.76
C ILE A 118 -12.90 -28.95 25.12
N ASN A 119 -12.14 -30.05 25.21
CA ASN A 119 -11.93 -30.74 26.48
C ASN A 119 -11.38 -29.87 27.60
N LEU A 120 -10.58 -28.88 27.27
CA LEU A 120 -10.00 -27.93 28.24
C LEU A 120 -10.83 -26.67 28.41
N GLY A 121 -11.96 -26.57 27.73
CA GLY A 121 -12.81 -25.38 27.82
C GLY A 121 -12.28 -24.17 27.07
N ILE A 122 -11.34 -24.41 26.17
CA ILE A 122 -10.80 -23.39 25.27
C ILE A 122 -11.69 -23.33 24.02
N LEU A 123 -11.95 -22.12 23.55
CA LEU A 123 -12.76 -21.94 22.36
C LEU A 123 -11.90 -22.02 21.09
N PRO A 124 -12.15 -23.01 20.21
CA PRO A 124 -11.52 -23.00 18.89
C PRO A 124 -12.11 -21.91 17.99
N ILE A 125 -11.25 -21.12 17.38
CA ILE A 125 -11.66 -20.03 16.49
C ILE A 125 -11.01 -20.30 15.15
N ILE A 126 -11.86 -20.65 14.20
CA ILE A 126 -11.46 -21.01 12.87
C ILE A 126 -11.69 -19.85 11.90
N ASN A 127 -10.77 -19.73 10.94
CA ASN A 127 -10.91 -18.82 9.80
C ASN A 127 -10.22 -19.50 8.63
N GLU A 128 -10.48 -19.01 7.42
CA GLU A 128 -9.75 -19.47 6.24
C GLU A 128 -8.29 -19.05 6.35
N ASN A 129 -7.40 -19.96 5.93
CA ASN A 129 -6.01 -19.58 5.68
C ASN A 129 -5.93 -18.80 4.37
N ASP A 130 -5.88 -17.49 4.48
CA ASP A 130 -5.90 -16.60 3.32
C ASP A 130 -4.53 -16.43 2.64
N ALA A 131 -3.50 -17.11 3.14
CA ALA A 131 -2.25 -17.20 2.43
C ALA A 131 -2.32 -18.26 1.33
N THR A 132 -2.89 -19.43 1.66
CA THR A 132 -2.83 -20.58 0.78
C THR A 132 -4.12 -20.82 -0.01
N ALA A 133 -5.22 -20.22 0.41
CA ALA A 133 -6.49 -20.34 -0.32
C ALA A 133 -7.21 -18.99 -0.32
N ILE A 134 -8.05 -18.78 -1.32
CA ILE A 134 -8.77 -17.51 -1.48
C ILE A 134 -10.27 -17.68 -1.77
N GLU A 135 -10.74 -18.92 -1.81
CA GLU A 135 -12.15 -19.22 -2.09
C GLU A 135 -13.12 -18.37 -1.28
N GLU A 136 -12.92 -18.32 0.04
CA GLU A 136 -13.88 -17.67 0.92
C GLU A 136 -13.74 -16.14 0.89
N ILE A 137 -12.56 -15.66 0.50
CA ILE A 137 -12.37 -14.22 0.29
C ILE A 137 -13.11 -13.77 -0.97
N VAL A 138 -13.12 -14.61 -1.99
CA VAL A 138 -13.75 -14.23 -3.25
C VAL A 138 -15.27 -14.28 -3.12
N PHE A 139 -15.79 -15.37 -2.60
CA PHE A 139 -17.23 -15.56 -2.51
C PHE A 139 -17.60 -16.57 -1.43
N GLY A 140 -18.37 -16.13 -0.43
CA GLY A 140 -18.87 -17.05 0.59
C GLY A 140 -18.63 -16.62 2.03
N ASP A 141 -17.55 -15.90 2.28
CA ASP A 141 -17.28 -15.35 3.60
C ASP A 141 -17.39 -16.45 4.69
N ASN A 142 -16.85 -17.65 4.39
CA ASN A 142 -16.75 -18.79 5.31
C ASN A 142 -18.01 -19.65 5.52
N ASP A 143 -19.05 -19.45 4.72
CA ASP A 143 -20.27 -20.27 4.83
C ASP A 143 -19.96 -21.74 4.57
N SER A 144 -19.30 -22.00 3.45
CA SER A 144 -18.86 -23.35 3.12
C SER A 144 -17.87 -23.94 4.11
N LEU A 145 -16.88 -23.15 4.52
CA LEU A 145 -15.87 -23.63 5.46
C LEU A 145 -16.52 -24.06 6.78
N SER A 146 -17.52 -23.31 7.23
CA SER A 146 -18.21 -23.63 8.49
C SER A 146 -19.03 -24.93 8.35
N ALA A 147 -19.64 -25.14 7.19
CA ALA A 147 -20.37 -26.38 6.90
C ALA A 147 -19.46 -27.61 6.90
N TYR A 148 -18.31 -27.50 6.23
CA TYR A 148 -17.30 -28.56 6.28
C TYR A 148 -16.83 -28.80 7.72
N ALA A 149 -16.58 -27.75 8.48
CA ALA A 149 -16.20 -27.92 9.88
C ALA A 149 -17.26 -28.67 10.70
N THR A 150 -18.53 -28.31 10.50
CA THR A 150 -19.63 -28.98 11.20
C THR A 150 -19.62 -30.49 10.95
N HIS A 151 -19.49 -30.92 9.70
CA HIS A 151 -19.43 -32.35 9.42
C HIS A 151 -18.14 -33.01 9.89
N PHE A 152 -17.01 -32.50 9.44
CA PHE A 152 -15.73 -33.15 9.70
C PHE A 152 -15.26 -33.08 11.15
N PHE A 153 -15.75 -32.11 11.93
CA PHE A 153 -15.46 -32.12 13.38
C PHE A 153 -16.61 -32.66 14.23
N ASP A 154 -17.53 -33.39 13.60
CA ASP A 154 -18.62 -34.10 14.27
C ASP A 154 -19.48 -33.21 15.19
N ALA A 155 -19.92 -32.09 14.63
CA ALA A 155 -20.89 -31.24 15.30
C ALA A 155 -22.27 -31.60 14.79
N ASP A 156 -23.30 -31.23 15.55
CA ASP A 156 -24.65 -31.59 15.20
C ASP A 156 -25.38 -30.47 14.44
N LEU A 157 -24.95 -29.23 14.66
CA LEU A 157 -25.64 -28.07 14.14
C LEU A 157 -24.66 -26.94 13.79
N LEU A 158 -24.87 -26.34 12.62
CA LEU A 158 -24.23 -25.10 12.25
C LEU A 158 -25.22 -23.97 12.46
N VAL A 159 -24.81 -22.95 13.21
CA VAL A 159 -25.60 -21.72 13.36
C VAL A 159 -24.86 -20.62 12.62
N ILE A 160 -25.47 -20.10 11.56
CA ILE A 160 -24.91 -18.96 10.86
C ILE A 160 -25.61 -17.68 11.33
N LEU A 161 -24.80 -16.79 11.90
CA LEU A 161 -25.27 -15.50 12.34
C LEU A 161 -24.92 -14.51 11.26
N SER A 162 -25.92 -13.78 10.81
CA SER A 162 -25.81 -13.03 9.59
C SER A 162 -26.55 -11.70 9.66
N ASP A 163 -26.38 -10.87 8.63
CA ASP A 163 -27.19 -9.66 8.52
C ASP A 163 -28.55 -10.03 7.90
N ILE A 164 -28.60 -11.23 7.34
CA ILE A 164 -29.83 -11.92 6.94
C ILE A 164 -30.44 -12.60 8.19
N ASP A 165 -31.70 -12.33 8.50
CA ASP A 165 -32.32 -12.89 9.71
C ASP A 165 -33.03 -14.22 9.47
N GLY A 166 -33.14 -14.64 8.21
CA GLY A 166 -33.78 -15.89 7.85
C GLY A 166 -33.91 -16.00 6.35
N PHE A 167 -34.34 -17.18 5.88
CA PHE A 167 -34.57 -17.43 4.46
C PHE A 167 -36.07 -17.20 4.15
N TYR A 168 -36.34 -16.37 3.13
CA TYR A 168 -37.70 -15.95 2.77
C TYR A 168 -38.10 -16.46 1.39
N ASP A 169 -39.39 -16.46 1.08
CA ASP A 169 -39.89 -16.85 -0.26
C ASP A 169 -39.48 -15.88 -1.37
N LYS A 170 -39.02 -14.70 -1.00
CA LYS A 170 -38.48 -13.73 -1.95
C LYS A 170 -37.60 -12.77 -1.17
N ASN A 171 -36.80 -11.99 -1.90
CA ASN A 171 -35.84 -11.09 -1.27
C ASN A 171 -36.53 -10.07 -0.34
N PRO A 172 -36.28 -10.19 0.99
CA PRO A 172 -37.02 -9.37 1.97
C PRO A 172 -36.66 -7.88 1.99
N SER A 173 -35.48 -7.54 1.48
CA SER A 173 -35.04 -6.15 1.37
C SER A 173 -35.71 -5.43 0.19
N GLU A 174 -36.12 -6.20 -0.82
CA GLU A 174 -36.84 -5.67 -1.97
C GLU A 174 -38.35 -5.71 -1.76
N PHE A 175 -38.84 -6.82 -1.23
CA PHE A 175 -40.28 -7.08 -1.14
C PHE A 175 -40.76 -7.16 0.31
N SER A 176 -41.52 -6.15 0.72
CA SER A 176 -42.00 -6.06 2.10
C SER A 176 -43.05 -7.12 2.45
N ASP A 177 -43.59 -7.79 1.43
CA ASP A 177 -44.51 -8.93 1.61
C ASP A 177 -43.80 -10.30 1.65
N ALA A 178 -42.47 -10.31 1.55
CA ALA A 178 -41.70 -11.55 1.62
C ALA A 178 -42.02 -12.27 2.91
N LYS A 179 -42.28 -13.57 2.82
CA LYS A 179 -42.63 -14.39 3.98
C LYS A 179 -41.46 -15.30 4.36
N ARG A 180 -41.22 -15.41 5.66
CA ARG A 180 -40.13 -16.22 6.17
C ARG A 180 -40.48 -17.70 6.11
N LEU A 181 -39.55 -18.50 5.59
CA LEU A 181 -39.66 -19.95 5.60
C LEU A 181 -39.02 -20.50 6.88
N GLU A 182 -39.83 -21.06 7.77
CA GLU A 182 -39.36 -21.45 9.09
C GLU A 182 -38.50 -22.70 9.06
N LYS A 183 -38.87 -23.62 8.16
CA LYS A 183 -38.25 -24.93 8.04
C LYS A 183 -38.04 -25.29 6.57
N ILE A 184 -36.85 -25.74 6.23
CA ILE A 184 -36.52 -26.21 4.89
C ILE A 184 -35.89 -27.60 5.01
N THR A 185 -36.43 -28.54 4.25
CA THR A 185 -35.95 -29.93 4.28
C THR A 185 -35.22 -30.29 2.97
N HIS A 186 -35.33 -29.43 1.97
CA HIS A 186 -34.73 -29.67 0.67
C HIS A 186 -34.30 -28.35 0.02
N ILE A 187 -33.11 -28.34 -0.56
CA ILE A 187 -32.59 -27.19 -1.25
C ILE A 187 -32.78 -27.42 -2.76
N LYS A 188 -33.61 -26.58 -3.38
CA LYS A 188 -33.88 -26.69 -4.81
C LYS A 188 -32.68 -26.18 -5.59
N GLU A 189 -32.35 -26.86 -6.68
CA GLU A 189 -31.23 -26.46 -7.53
C GLU A 189 -31.44 -25.06 -8.13
N GLU A 190 -32.69 -24.71 -8.40
CA GLU A 190 -33.02 -23.37 -8.90
C GLU A 190 -32.57 -22.26 -7.94
N TRP A 191 -32.40 -22.60 -6.66
CA TRP A 191 -31.99 -21.63 -5.65
C TRP A 191 -30.50 -21.29 -5.72
N LEU A 192 -29.71 -22.15 -6.36
CA LEU A 192 -28.25 -22.04 -6.32
C LEU A 192 -27.75 -21.42 -7.63
N HIS A 202 -17.21 -10.52 -6.26
CA HIS A 202 -18.33 -11.46 -6.21
C HIS A 202 -19.12 -11.30 -4.88
N GLY A 203 -18.43 -11.02 -3.78
CA GLY A 203 -19.07 -10.59 -2.52
C GLY A 203 -19.05 -11.58 -1.35
N THR A 204 -19.84 -11.26 -0.32
CA THR A 204 -19.91 -12.10 0.87
C THR A 204 -20.53 -13.45 0.55
N GLY A 205 -21.36 -13.52 -0.48
CA GLY A 205 -21.94 -14.80 -0.90
C GLY A 205 -23.45 -14.77 -0.93
N GLY A 206 -24.04 -13.89 -0.11
CA GLY A 206 -25.47 -13.72 -0.10
C GLY A 206 -26.20 -14.93 0.44
N ILE A 207 -27.45 -15.07 0.01
CA ILE A 207 -28.27 -16.21 0.41
C ILE A 207 -27.79 -17.50 -0.26
N VAL A 208 -27.25 -17.40 -1.47
CA VAL A 208 -26.85 -18.60 -2.22
C VAL A 208 -25.79 -19.44 -1.51
N THR A 209 -24.77 -18.81 -0.93
CA THR A 209 -23.74 -19.56 -0.21
C THR A 209 -24.29 -20.14 1.09
N LYS A 210 -25.29 -19.49 1.67
CA LYS A 210 -25.96 -20.03 2.84
C LYS A 210 -26.73 -21.30 2.45
N LEU A 211 -27.46 -21.26 1.34
CA LEU A 211 -28.20 -22.43 0.86
C LEU A 211 -27.29 -23.58 0.39
N LYS A 212 -26.16 -23.25 -0.21
CA LYS A 212 -25.17 -24.27 -0.59
C LYS A 212 -24.59 -24.98 0.65
N ALA A 213 -24.30 -24.22 1.69
CA ALA A 213 -23.86 -24.81 2.96
C ALA A 213 -24.92 -25.74 3.53
N ALA A 214 -26.20 -25.33 3.47
CA ALA A 214 -27.31 -26.13 3.97
C ALA A 214 -27.47 -27.45 3.20
N LYS A 215 -27.37 -27.38 1.88
CA LYS A 215 -27.40 -28.59 1.05
C LYS A 215 -26.30 -29.59 1.40
N PHE A 216 -25.08 -29.10 1.63
CA PHE A 216 -24.00 -29.95 2.14
C PHE A 216 -24.37 -30.60 3.47
N LEU A 217 -24.92 -29.81 4.38
CA LEU A 217 -25.22 -30.30 5.71
C LEU A 217 -26.36 -31.32 5.67
N LEU A 218 -27.42 -31.00 4.94
CA LEU A 218 -28.54 -31.92 4.74
C LEU A 218 -28.12 -33.26 4.14
N GLU A 219 -27.18 -33.22 3.20
CA GLU A 219 -26.61 -34.43 2.61
C GLU A 219 -25.77 -35.26 3.60
N HIS A 220 -25.34 -34.69 4.73
CA HIS A 220 -24.61 -35.44 5.77
C HIS A 220 -25.40 -35.56 7.06
N ASN A 221 -26.72 -35.51 6.93
CA ASN A 221 -27.67 -35.65 8.04
C ASN A 221 -27.40 -34.70 9.19
N LYS A 222 -27.04 -33.46 8.85
CA LYS A 222 -26.81 -32.45 9.86
C LYS A 222 -27.79 -31.29 9.69
N LYS A 223 -27.78 -30.37 10.64
CA LYS A 223 -28.73 -29.28 10.66
C LYS A 223 -28.01 -27.94 10.54
N MSE A 224 -28.76 -26.96 10.05
CA MSE A 224 -28.31 -25.60 10.00
C MSE A 224 -29.44 -24.67 10.46
O MSE A 224 -30.61 -24.86 10.11
CB MSE A 224 -27.87 -25.24 8.60
CG MSE A 224 -26.95 -24.03 8.55
SE MSE A 224 -26.47 -23.50 6.73
CE MSE A 224 -27.79 -22.14 6.24
N PHE A 225 -29.04 -23.68 11.25
CA PHE A 225 -29.92 -22.60 11.67
C PHE A 225 -29.34 -21.25 11.22
N LEU A 226 -30.17 -20.49 10.51
CA LEU A 226 -29.81 -19.20 9.99
C LEU A 226 -30.58 -18.15 10.76
N ALA A 227 -29.85 -17.22 11.40
CA ALA A 227 -30.49 -16.15 12.18
C ALA A 227 -29.64 -14.91 12.18
N SER A 228 -30.18 -13.84 12.75
CA SER A 228 -29.49 -12.56 12.86
C SER A 228 -28.33 -12.56 13.85
N GLY A 229 -27.23 -11.92 13.46
CA GLY A 229 -26.13 -11.63 14.38
C GLY A 229 -26.15 -10.20 14.89
N PHE A 230 -27.16 -9.44 14.47
CA PHE A 230 -27.31 -8.05 14.90
C PHE A 230 -28.16 -7.91 16.13
N ASP A 231 -29.24 -8.69 16.19
CA ASP A 231 -30.03 -8.86 17.39
C ASP A 231 -30.01 -10.36 17.66
N LEU A 232 -29.44 -10.75 18.80
CA LEU A 232 -29.23 -12.16 19.10
C LEU A 232 -30.42 -12.88 19.75
N SER A 233 -31.56 -12.20 19.87
CA SER A 233 -32.75 -12.77 20.54
C SER A 233 -33.22 -14.11 19.95
N VAL A 234 -33.44 -14.14 18.64
CA VAL A 234 -33.83 -15.38 17.97
C VAL A 234 -32.80 -16.51 18.17
N ALA A 235 -31.52 -16.23 17.94
CA ALA A 235 -30.48 -17.24 18.15
C ALA A 235 -30.44 -17.73 19.60
N LYS A 236 -30.55 -16.79 20.55
CA LYS A 236 -30.55 -17.13 21.99
C LYS A 236 -31.70 -18.03 22.40
N THR A 237 -32.89 -17.74 21.89
CA THR A 237 -34.10 -18.50 22.26
C THR A 237 -34.06 -19.90 21.66
N PHE A 238 -33.53 -20.00 20.45
CA PHE A 238 -33.41 -21.28 19.79
C PHE A 238 -32.45 -22.19 20.54
N LEU A 239 -31.27 -21.67 20.85
CA LEU A 239 -30.21 -22.47 21.44
C LEU A 239 -30.27 -22.62 22.95
N LEU A 240 -30.83 -21.62 23.65
CA LEU A 240 -30.88 -21.66 25.13
C LEU A 240 -32.26 -21.93 25.72
N GLU A 241 -33.32 -21.62 24.96
CA GLU A 241 -34.71 -21.86 25.37
C GLU A 241 -35.40 -22.90 24.49
N ASP A 242 -34.65 -23.50 23.56
CA ASP A 242 -35.18 -24.48 22.61
C ASP A 242 -36.59 -24.18 22.08
N LYS A 243 -36.78 -22.94 21.65
CA LYS A 243 -37.97 -22.55 20.92
C LYS A 243 -37.53 -21.72 19.73
N GLN A 244 -38.09 -22.01 18.55
CA GLN A 244 -37.77 -21.25 17.33
C GLN A 244 -38.79 -20.12 17.14
N ILE A 245 -38.35 -18.86 17.23
CA ILE A 245 -39.25 -17.71 17.05
C ILE A 245 -38.84 -16.77 15.91
N GLY A 246 -37.88 -17.22 15.11
CA GLY A 246 -37.34 -16.46 14.01
C GLY A 246 -36.37 -17.38 13.31
N GLY A 247 -35.72 -16.89 12.26
CA GLY A 247 -34.69 -17.65 11.58
C GLY A 247 -35.24 -18.79 10.74
N THR A 248 -34.36 -19.50 10.08
CA THR A 248 -34.75 -20.68 9.32
C THR A 248 -33.93 -21.87 9.77
N LEU A 249 -34.63 -22.94 10.13
CA LEU A 249 -34.01 -24.22 10.44
C LEU A 249 -34.01 -25.11 9.19
N PHE A 250 -32.83 -25.64 8.85
CA PHE A 250 -32.66 -26.57 7.75
C PHE A 250 -32.38 -27.93 8.37
N GLU A 251 -33.20 -28.93 8.08
CA GLU A 251 -33.03 -30.25 8.70
C GLU A 251 -33.81 -31.33 7.97
N LYS B 2 17.22 -8.17 -3.90
CA LYS B 2 17.89 -9.20 -3.01
C LYS B 2 17.04 -9.47 -1.76
N ARG B 3 16.69 -10.74 -1.62
CA ARG B 3 15.72 -11.16 -0.64
C ARG B 3 16.33 -12.25 0.22
N ILE B 4 16.06 -12.17 1.53
CA ILE B 4 16.57 -13.13 2.48
C ILE B 4 15.46 -13.65 3.41
N VAL B 5 15.61 -14.90 3.84
CA VAL B 5 14.79 -15.45 4.89
C VAL B 5 15.66 -15.54 6.13
N VAL B 6 15.13 -15.03 7.23
CA VAL B 6 15.76 -15.20 8.55
C VAL B 6 14.90 -16.18 9.30
N LYS B 7 15.51 -17.27 9.77
CA LYS B 7 14.79 -18.23 10.59
C LYS B 7 15.34 -18.19 12.01
N VAL B 8 14.45 -18.02 12.97
CA VAL B 8 14.80 -17.97 14.38
C VAL B 8 14.17 -19.18 15.08
N GLY B 9 15.00 -19.98 15.73
CA GLY B 9 14.55 -21.17 16.43
C GLY B 9 13.92 -20.84 17.78
N SER B 10 13.30 -21.85 18.38
CA SER B 10 12.60 -21.66 19.64
C SER B 10 13.57 -21.32 20.80
N HIS B 11 14.73 -21.97 20.84
CA HIS B 11 15.75 -21.68 21.87
C HIS B 11 16.13 -20.21 21.96
N VAL B 12 16.34 -19.60 20.80
CA VAL B 12 16.83 -18.23 20.71
C VAL B 12 15.83 -17.19 21.22
N ILE B 13 14.53 -17.46 21.14
CA ILE B 13 13.54 -16.47 21.59
C ILE B 13 12.72 -16.92 22.80
N SER B 14 13.10 -18.05 23.38
CA SER B 14 12.47 -18.57 24.59
C SER B 14 13.42 -18.58 25.76
N GLU B 15 12.84 -18.55 26.96
CA GLU B 15 13.52 -19.00 28.15
C GLU B 15 12.70 -20.18 28.67
N GLU B 16 12.94 -20.57 29.92
CA GLU B 16 12.37 -21.78 30.47
C GLU B 16 10.85 -21.75 30.50
N ASN B 17 10.25 -20.77 31.18
CA ASN B 17 8.79 -20.64 31.24
C ASN B 17 8.26 -19.27 30.77
N THR B 18 9.07 -18.54 29.99
CA THR B 18 8.65 -17.26 29.39
C THR B 18 9.25 -17.07 28.00
N LEU B 19 8.76 -16.09 27.26
CA LEU B 19 9.42 -15.65 26.04
C LEU B 19 10.61 -14.80 26.45
N SER B 20 11.67 -14.83 25.64
CA SER B 20 12.79 -13.92 25.84
C SER B 20 12.48 -12.61 25.15
N PHE B 21 11.82 -11.71 25.87
CA PHE B 21 11.48 -10.40 25.32
C PHE B 21 12.71 -9.62 24.90
N GLU B 22 13.80 -9.74 25.67
CA GLU B 22 15.06 -9.09 25.33
C GLU B 22 15.58 -9.51 23.96
N ARG B 23 15.70 -10.81 23.73
CA ARG B 23 16.26 -11.29 22.47
C ARG B 23 15.33 -11.08 21.28
N LEU B 24 14.03 -11.05 21.52
CA LEU B 24 13.06 -10.69 20.48
C LEU B 24 13.22 -9.22 20.09
N LYS B 25 13.36 -8.36 21.09
CA LYS B 25 13.59 -6.95 20.87
C LYS B 25 14.87 -6.71 20.03
N ASN B 26 15.94 -7.41 20.41
CA ASN B 26 17.19 -7.40 19.65
C ASN B 26 16.98 -7.92 18.22
N LEU B 27 16.20 -8.99 18.09
CA LEU B 27 15.92 -9.55 16.77
C LEU B 27 15.20 -8.53 15.90
N VAL B 28 14.16 -7.91 16.44
CA VAL B 28 13.35 -6.95 15.67
C VAL B 28 14.16 -5.71 15.22
N ALA B 29 15.04 -5.22 16.10
CA ALA B 29 15.93 -4.11 15.76
C ALA B 29 16.85 -4.47 14.61
N PHE B 30 17.37 -5.69 14.65
CA PHE B 30 18.18 -6.26 13.59
C PHE B 30 17.40 -6.36 12.29
N LEU B 31 16.17 -6.86 12.37
CA LEU B 31 15.33 -7.02 11.18
C LEU B 31 15.00 -5.67 10.55
N ALA B 32 14.77 -4.65 11.39
CA ALA B 32 14.48 -3.29 10.92
C ALA B 32 15.61 -2.68 10.10
N LYS B 33 16.84 -3.02 10.44
CA LYS B 33 18.01 -2.55 9.69
C LYS B 33 18.19 -3.34 8.40
N LEU B 34 17.96 -4.65 8.49
CA LEU B 34 18.01 -5.52 7.32
C LEU B 34 17.01 -5.10 6.25
N MSE B 35 15.84 -4.63 6.66
CA MSE B 35 14.81 -4.22 5.73
C MSE B 35 15.24 -2.98 4.92
O MSE B 35 14.77 -2.77 3.79
CB MSE B 35 13.47 -4.03 6.47
CG MSE B 35 12.84 -5.35 6.89
SE MSE B 35 11.23 -5.24 8.04
CE MSE B 35 11.85 -5.47 9.70
N GLU B 36 16.15 -2.17 5.48
CA GLU B 36 16.74 -1.06 4.72
C GLU B 36 17.55 -1.54 3.53
N LYS B 37 18.16 -2.72 3.65
CA LYS B 37 19.09 -3.25 2.65
C LYS B 37 18.50 -4.40 1.80
N TYR B 38 17.57 -5.17 2.38
CA TYR B 38 17.05 -6.36 1.73
C TYR B 38 15.53 -6.41 1.77
N GLU B 39 14.97 -7.25 0.92
CA GLU B 39 13.61 -7.79 1.11
C GLU B 39 13.74 -8.91 2.15
N VAL B 40 12.95 -8.83 3.23
CA VAL B 40 13.09 -9.74 4.37
C VAL B 40 11.80 -10.55 4.67
N ILE B 41 11.97 -11.86 4.86
CA ILE B 41 10.94 -12.76 5.34
C ILE B 41 11.45 -13.39 6.65
N LEU B 42 10.62 -13.33 7.70
CA LEU B 42 10.92 -13.99 8.98
C LEU B 42 10.14 -15.30 9.08
N VAL B 43 10.85 -16.36 9.44
CA VAL B 43 10.27 -17.61 9.90
C VAL B 43 10.54 -17.79 11.40
N THR B 44 9.47 -17.86 12.18
CA THR B 44 9.56 -17.91 13.63
C THR B 44 9.06 -19.25 14.17
N SER B 45 9.68 -19.70 15.28
CA SER B 45 9.13 -20.73 16.14
C SER B 45 8.67 -20.05 17.45
N ALA B 46 8.42 -20.86 18.46
CA ALA B 46 8.11 -20.42 19.84
C ALA B 46 6.64 -20.11 20.10
N ALA B 47 5.75 -20.51 19.19
CA ALA B 47 4.31 -20.41 19.46
C ALA B 47 3.95 -21.28 20.65
N ILE B 48 4.61 -22.43 20.80
CA ILE B 48 4.37 -23.33 21.94
C ILE B 48 4.83 -22.70 23.27
N SER B 49 6.01 -22.08 23.30
CA SER B 49 6.48 -21.34 24.49
C SER B 49 5.54 -20.22 24.84
N ALA B 50 5.14 -19.47 23.82
CA ALA B 50 4.17 -18.40 24.01
C ALA B 50 2.85 -18.90 24.59
N GLY B 51 2.37 -20.04 24.10
CA GLY B 51 1.13 -20.62 24.60
C GLY B 51 1.22 -21.16 26.02
N HIS B 52 2.37 -21.73 26.38
CA HIS B 52 2.55 -22.28 27.73
C HIS B 52 2.53 -21.18 28.79
N THR B 53 2.91 -19.98 28.38
CA THR B 53 2.73 -18.75 29.14
C THR B 53 1.26 -18.47 29.52
N LYS B 54 0.31 -18.97 28.72
CA LYS B 54 -1.12 -18.68 28.91
C LYS B 54 -1.89 -19.89 29.45
N LEU B 55 -1.38 -21.10 29.20
CA LEU B 55 -2.06 -22.34 29.53
C LEU B 55 -1.06 -23.35 30.03
N ASP B 56 -1.24 -23.80 31.25
CA ASP B 56 -0.28 -24.65 31.92
C ASP B 56 -0.66 -26.12 31.73
N ILE B 57 -0.34 -26.67 30.57
CA ILE B 57 -0.47 -28.10 30.33
C ILE B 57 0.89 -28.63 29.90
N ASP B 58 1.00 -29.95 29.87
CA ASP B 58 2.28 -30.61 29.65
C ASP B 58 2.70 -30.50 28.18
N ARG B 59 3.84 -29.86 27.97
CA ARG B 59 4.40 -29.59 26.65
C ARG B 59 4.95 -30.81 25.92
N LYS B 60 5.02 -31.97 26.57
CA LYS B 60 5.66 -33.13 25.95
C LYS B 60 4.73 -33.94 25.06
N ASN B 61 3.44 -33.89 25.39
CA ASN B 61 2.39 -34.52 24.58
C ASN B 61 2.13 -33.73 23.28
N LEU B 62 2.10 -34.45 22.15
CA LEU B 62 2.00 -33.84 20.83
C LEU B 62 0.73 -33.00 20.60
N ILE B 63 -0.43 -33.54 21.00
CA ILE B 63 -1.70 -32.83 20.81
C ILE B 63 -1.76 -31.60 21.73
N ASN B 64 -1.16 -31.72 22.91
CA ASN B 64 -0.94 -30.56 23.79
C ASN B 64 -0.15 -29.45 23.10
N LYS B 65 0.91 -29.83 22.39
CA LYS B 65 1.72 -28.86 21.65
C LYS B 65 0.91 -28.13 20.58
N GLN B 66 0.05 -28.86 19.86
CA GLN B 66 -0.83 -28.26 18.87
C GLN B 66 -1.76 -27.23 19.51
N VAL B 67 -2.30 -27.58 20.69
CA VAL B 67 -3.20 -26.68 21.43
C VAL B 67 -2.42 -25.45 21.90
N LEU B 68 -1.21 -25.66 22.41
CA LEU B 68 -0.40 -24.57 22.92
C LEU B 68 -0.01 -23.61 21.79
N ALA B 69 0.28 -24.17 20.63
CA ALA B 69 0.55 -23.39 19.42
C ALA B 69 -0.66 -22.59 18.95
N ALA B 70 -1.86 -23.13 19.05
CA ALA B 70 -3.08 -22.41 18.65
C ALA B 70 -3.35 -21.15 19.49
N ILE B 71 -3.08 -21.25 20.79
CA ILE B 71 -3.18 -20.13 21.73
C ILE B 71 -1.98 -19.20 21.58
N GLY B 72 -0.79 -19.79 21.48
CA GLY B 72 0.45 -19.04 21.47
C GLY B 72 0.76 -18.27 20.20
N GLN B 73 0.46 -18.87 19.05
CA GLN B 73 0.78 -18.27 17.76
C GLN B 73 0.29 -16.83 17.63
N PRO B 74 -1.00 -16.60 17.81
CA PRO B 74 -1.48 -15.21 17.68
C PRO B 74 -0.93 -14.24 18.74
N PHE B 75 -0.65 -14.74 19.94
CA PHE B 75 -0.02 -13.91 20.96
C PHE B 75 1.42 -13.60 20.57
N LEU B 76 2.13 -14.60 20.06
CA LEU B 76 3.48 -14.37 19.60
C LEU B 76 3.53 -13.28 18.51
N ILE B 77 2.58 -13.32 17.58
CA ILE B 77 2.54 -12.33 16.51
C ILE B 77 2.29 -10.94 17.10
N SER B 78 1.36 -10.83 18.06
CA SER B 78 1.09 -9.55 18.68
C SER B 78 2.33 -8.96 19.42
N VAL B 79 3.17 -9.83 19.95
CA VAL B 79 4.44 -9.42 20.60
C VAL B 79 5.42 -8.88 19.53
N TYR B 80 5.55 -9.59 18.40
CA TYR B 80 6.29 -9.07 17.27
C TYR B 80 5.78 -7.71 16.85
N ASN B 81 4.46 -7.59 16.68
CA ASN B 81 3.84 -6.31 16.31
C ASN B 81 4.11 -5.18 17.28
N GLU B 82 3.97 -5.43 18.58
CA GLU B 82 4.31 -4.41 19.59
C GLU B 82 5.77 -3.97 19.45
N LEU B 83 6.67 -4.90 19.17
CA LEU B 83 8.08 -4.56 18.99
C LEU B 83 8.34 -3.83 17.66
N LEU B 84 7.66 -4.25 16.60
CA LEU B 84 7.78 -3.58 15.29
C LEU B 84 7.22 -2.17 15.26
N ALA B 85 6.24 -1.89 16.12
CA ALA B 85 5.68 -0.54 16.25
C ALA B 85 6.74 0.53 16.60
N LYS B 86 7.81 0.11 17.28
CA LYS B 86 8.95 0.99 17.55
C LYS B 86 9.52 1.60 16.26
N PHE B 87 9.47 0.84 15.17
CA PHE B 87 9.99 1.29 13.88
C PHE B 87 8.88 1.62 12.91
N ASN B 88 7.67 1.80 13.44
CA ASN B 88 6.46 2.00 12.66
C ASN B 88 6.29 0.93 11.57
N LYS B 89 6.50 -0.32 11.95
CA LYS B 89 6.37 -1.44 11.03
C LYS B 89 5.22 -2.33 11.50
N LEU B 90 4.65 -3.10 10.57
CA LEU B 90 3.64 -4.12 10.89
C LEU B 90 4.14 -5.47 10.42
N GLY B 91 3.76 -6.53 11.14
CA GLY B 91 4.02 -7.90 10.72
C GLY B 91 2.71 -8.52 10.26
N GLY B 92 2.79 -9.44 9.30
CA GLY B 92 1.61 -10.20 8.90
C GLY B 92 1.86 -11.68 9.05
N GLN B 93 0.87 -12.37 9.60
CA GLN B 93 0.96 -13.79 9.88
C GLN B 93 0.73 -14.63 8.63
N ILE B 94 1.67 -15.55 8.37
CA ILE B 94 1.49 -16.62 7.40
C ILE B 94 1.70 -17.97 8.11
N LEU B 95 0.72 -18.87 8.00
CA LEU B 95 0.91 -20.27 8.44
C LEU B 95 0.99 -21.17 7.21
N LEU B 96 2.05 -21.98 7.18
CA LEU B 96 2.33 -22.91 6.08
C LEU B 96 2.65 -24.31 6.58
N THR B 97 2.60 -25.28 5.67
CA THR B 97 3.12 -26.61 5.92
C THR B 97 4.01 -27.06 4.76
N GLY B 98 4.80 -28.10 5.01
CA GLY B 98 5.60 -28.71 3.96
C GLY B 98 4.72 -29.14 2.80
N LYS B 99 3.53 -29.64 3.13
CA LYS B 99 2.57 -30.09 2.11
C LYS B 99 2.05 -28.95 1.24
N ASP B 100 1.83 -27.75 1.80
CA ASP B 100 1.49 -26.55 1.01
C ASP B 100 2.52 -26.32 -0.09
N PHE B 101 3.79 -26.53 0.23
CA PHE B 101 4.87 -26.32 -0.72
C PHE B 101 4.90 -27.31 -1.89
N ASP B 102 4.20 -28.43 -1.77
CA ASP B 102 4.05 -29.35 -2.91
C ASP B 102 2.93 -28.92 -3.87
N SER B 103 1.98 -28.12 -3.39
CA SER B 103 0.90 -27.61 -4.23
C SER B 103 1.31 -26.31 -4.92
N ARG B 104 1.26 -26.30 -6.25
CA ARG B 104 1.57 -25.09 -7.00
C ARG B 104 0.59 -23.95 -6.70
N LYS B 105 -0.68 -24.30 -6.53
CA LYS B 105 -1.75 -23.34 -6.25
C LYS B 105 -1.62 -22.69 -4.87
N ALA B 106 -1.35 -23.48 -3.84
CA ALA B 106 -1.21 -22.97 -2.48
C ALA B 106 0.02 -22.07 -2.38
N THR B 107 1.12 -22.53 -2.95
CA THR B 107 2.38 -21.77 -2.93
C THR B 107 2.26 -20.45 -3.67
N LYS B 108 1.61 -20.49 -4.83
CA LYS B 108 1.33 -19.31 -5.65
C LYS B 108 0.52 -18.25 -4.88
N HIS B 109 -0.59 -18.67 -4.27
CA HIS B 109 -1.38 -17.78 -3.42
C HIS B 109 -0.55 -17.18 -2.29
N ALA B 110 0.29 -18.00 -1.66
CA ALA B 110 1.17 -17.55 -0.59
C ALA B 110 2.21 -16.56 -1.07
N LYS B 111 2.86 -16.83 -2.20
CA LYS B 111 3.87 -15.93 -2.77
C LYS B 111 3.24 -14.61 -3.17
N ASN B 112 2.06 -14.64 -3.78
CA ASN B 112 1.35 -13.40 -4.10
C ASN B 112 1.19 -12.49 -2.88
N ALA B 113 0.73 -13.04 -1.76
CA ALA B 113 0.54 -12.27 -0.52
C ALA B 113 1.88 -11.75 0.05
N ILE B 114 2.86 -12.64 0.12
CA ILE B 114 4.20 -12.30 0.58
C ILE B 114 4.89 -11.22 -0.28
N ASP B 115 4.85 -11.36 -1.59
CA ASP B 115 5.46 -10.37 -2.49
C ASP B 115 4.85 -9.01 -2.26
N MSE B 116 3.52 -8.95 -2.10
CA MSE B 116 2.84 -7.69 -1.86
C MSE B 116 3.13 -7.08 -0.48
O MSE B 116 3.32 -5.86 -0.36
CB MSE B 116 1.34 -7.83 -2.01
CG MSE B 116 0.60 -6.60 -1.50
SE MSE B 116 -0.99 -6.20 -2.47
CE MSE B 116 0.19 -5.32 -3.91
N MSE B 117 3.15 -7.93 0.54
CA MSE B 117 3.53 -7.49 1.89
C MSE B 117 4.90 -6.82 1.87
O MSE B 117 5.10 -5.74 2.42
CB MSE B 117 3.57 -8.66 2.85
CG MSE B 117 2.24 -9.21 3.26
SE MSE B 117 2.39 -10.72 4.51
CE MSE B 117 2.73 -9.83 5.88
N ILE B 118 5.86 -7.49 1.23
CA ILE B 118 7.22 -6.96 1.10
C ILE B 118 7.21 -5.61 0.33
N ASN B 119 6.50 -5.53 -0.79
CA ASN B 119 6.36 -4.27 -1.51
C ASN B 119 5.88 -3.11 -0.63
N LEU B 120 4.88 -3.39 0.20
CA LEU B 120 4.24 -2.41 1.04
C LEU B 120 5.03 -2.10 2.30
N GLY B 121 6.04 -2.93 2.59
CA GLY B 121 6.89 -2.75 3.76
C GLY B 121 6.47 -3.56 4.98
N ILE B 122 5.55 -4.51 4.80
CA ILE B 122 5.08 -5.36 5.91
C ILE B 122 5.98 -6.56 6.00
N LEU B 123 6.33 -6.94 7.21
CA LEU B 123 7.17 -8.10 7.45
C LEU B 123 6.32 -9.36 7.43
N PRO B 124 6.54 -10.25 6.44
CA PRO B 124 5.91 -11.57 6.51
C PRO B 124 6.55 -12.40 7.62
N ILE B 125 5.71 -12.96 8.50
CA ILE B 125 6.14 -13.78 9.61
C ILE B 125 5.48 -15.15 9.46
N ILE B 126 6.31 -16.12 9.11
CA ILE B 126 5.87 -17.48 8.80
C ILE B 126 6.10 -18.41 9.99
N ASN B 127 5.15 -19.32 10.21
CA ASN B 127 5.33 -20.44 11.14
C ASN B 127 4.62 -21.63 10.53
N GLU B 128 4.86 -22.82 11.05
CA GLU B 128 4.12 -24.02 10.62
C GLU B 128 2.67 -23.88 11.06
N ASN B 129 1.74 -24.32 10.22
CA ASN B 129 0.35 -24.51 10.62
C ASN B 129 0.17 -25.81 11.45
N ASP B 130 0.18 -25.63 12.77
CA ASP B 130 0.18 -26.76 13.71
C ASP B 130 -1.20 -27.37 13.95
N ALA B 131 -2.21 -26.81 13.29
CA ALA B 131 -3.50 -27.45 13.25
C ALA B 131 -3.46 -28.62 12.28
N THR B 132 -2.89 -28.41 11.11
CA THR B 132 -2.99 -29.36 10.01
C THR B 132 -1.73 -30.17 9.75
N ALA B 133 -0.62 -29.80 10.38
CA ALA B 133 0.65 -30.50 10.23
C ALA B 133 1.47 -30.42 11.52
N ILE B 134 2.22 -31.48 11.82
CA ILE B 134 2.96 -31.59 13.09
C ILE B 134 4.45 -31.85 12.90
N GLU B 135 4.89 -31.95 11.64
CA GLU B 135 6.25 -32.36 11.33
C GLU B 135 7.30 -31.53 12.07
N GLU B 136 7.20 -30.21 11.96
CA GLU B 136 8.18 -29.31 12.59
C GLU B 136 8.08 -29.28 14.11
N ILE B 137 6.88 -29.53 14.64
CA ILE B 137 6.69 -29.66 16.10
C ILE B 137 7.46 -30.86 16.62
N VAL B 138 7.40 -31.96 15.88
CA VAL B 138 7.97 -33.24 16.28
C VAL B 138 9.49 -33.22 16.12
N PHE B 139 9.97 -32.75 14.97
CA PHE B 139 11.40 -32.78 14.69
C PHE B 139 11.78 -31.76 13.63
N GLY B 140 12.57 -30.76 14.03
CA GLY B 140 13.18 -29.84 13.08
C GLY B 140 13.02 -28.36 13.37
N ASP B 141 11.96 -28.00 14.11
CA ASP B 141 11.80 -26.63 14.61
C ASP B 141 11.86 -25.56 13.50
N ASN B 142 11.26 -25.88 12.34
CA ASN B 142 11.14 -24.99 11.17
C ASN B 142 12.37 -24.84 10.27
N ASP B 143 13.41 -25.64 10.48
CA ASP B 143 14.56 -25.60 9.60
C ASP B 143 14.13 -25.87 8.16
N SER B 144 13.46 -26.99 7.94
CA SER B 144 13.03 -27.39 6.61
C SER B 144 12.00 -26.45 6.01
N LEU B 145 11.01 -26.06 6.80
CA LEU B 145 10.01 -25.10 6.34
C LEU B 145 10.67 -23.81 5.85
N SER B 146 11.70 -23.36 6.55
CA SER B 146 12.41 -22.14 6.20
C SER B 146 13.23 -22.31 4.91
N ALA B 147 13.78 -23.49 4.71
CA ALA B 147 14.45 -23.79 3.45
C ALA B 147 13.46 -23.75 2.27
N TYR B 148 12.27 -24.32 2.46
CA TYR B 148 11.26 -24.34 1.41
C TYR B 148 10.75 -22.93 1.07
N ALA B 149 10.54 -22.13 2.12
CA ALA B 149 10.18 -20.73 1.99
C ALA B 149 11.20 -19.94 1.19
N THR B 150 12.46 -20.17 1.49
CA THR B 150 13.57 -19.52 0.80
C THR B 150 13.56 -19.83 -0.70
N HIS B 151 13.42 -21.11 -1.03
CA HIS B 151 13.44 -21.48 -2.43
C HIS B 151 12.20 -21.02 -3.15
N PHE B 152 11.03 -21.38 -2.62
CA PHE B 152 9.77 -21.14 -3.32
C PHE B 152 9.27 -19.69 -3.31
N PHE B 153 9.78 -18.86 -2.40
CA PHE B 153 9.46 -17.43 -2.45
C PHE B 153 10.63 -16.58 -2.97
N ASP B 154 11.57 -17.24 -3.66
CA ASP B 154 12.62 -16.61 -4.46
C ASP B 154 13.53 -15.67 -3.66
N ALA B 155 14.02 -16.21 -2.55
CA ALA B 155 15.05 -15.59 -1.76
C ALA B 155 16.37 -16.23 -2.13
N ASP B 156 17.45 -15.49 -1.90
CA ASP B 156 18.79 -15.92 -2.32
C ASP B 156 19.52 -16.64 -1.19
N LEU B 157 19.16 -16.29 0.04
CA LEU B 157 19.87 -16.73 1.23
C LEU B 157 18.90 -16.98 2.39
N LEU B 158 19.13 -18.09 3.07
CA LEU B 158 18.46 -18.41 4.31
C LEU B 158 19.47 -18.19 5.44
N VAL B 159 19.13 -17.32 6.38
CA VAL B 159 19.89 -17.21 7.62
C VAL B 159 19.17 -17.95 8.74
N ILE B 160 19.80 -19.00 9.25
CA ILE B 160 19.31 -19.69 10.45
C ILE B 160 20.06 -19.16 11.67
N LEU B 161 19.31 -18.59 12.62
CA LEU B 161 19.85 -18.14 13.90
C LEU B 161 19.54 -19.17 14.98
N SER B 162 20.58 -19.55 15.72
CA SER B 162 20.59 -20.79 16.48
C SER B 162 21.31 -20.66 17.82
N ASP B 163 21.15 -21.69 18.66
CA ASP B 163 22.04 -21.93 19.82
C ASP B 163 23.52 -21.90 19.40
N ILE B 164 23.82 -22.63 18.34
CA ILE B 164 25.20 -22.82 17.92
C ILE B 164 25.63 -21.71 16.96
N ASP B 165 26.91 -21.34 17.05
CA ASP B 165 27.46 -20.22 16.31
C ASP B 165 27.93 -20.59 14.89
N GLY B 166 27.85 -21.88 14.54
CA GLY B 166 28.29 -22.36 13.25
C GLY B 166 28.30 -23.87 13.16
N PHE B 167 28.62 -24.37 11.97
CA PHE B 167 28.79 -25.81 11.72
C PHE B 167 30.28 -26.20 11.83
N TYR B 168 30.52 -27.34 12.48
CA TYR B 168 31.86 -27.76 12.89
C TYR B 168 32.22 -29.13 12.33
N ASP B 169 33.52 -29.41 12.33
CA ASP B 169 34.05 -30.69 11.85
C ASP B 169 33.70 -31.85 12.77
N LYS B 170 33.26 -31.53 13.98
CA LYS B 170 32.68 -32.52 14.89
C LYS B 170 31.89 -31.78 15.95
N ASN B 171 31.11 -32.52 16.74
CA ASN B 171 30.22 -31.91 17.74
C ASN B 171 31.00 -31.04 18.73
N PRO B 172 30.80 -29.72 18.69
CA PRO B 172 31.56 -28.80 19.53
C PRO B 172 31.13 -28.82 21.01
N SER B 173 29.98 -29.40 21.31
CA SER B 173 29.54 -29.62 22.68
C SER B 173 30.33 -30.75 23.34
N GLU B 174 30.78 -31.71 22.52
CA GLU B 174 31.51 -32.89 23.00
C GLU B 174 33.04 -32.78 22.92
N PHE B 175 33.55 -31.88 22.07
CA PHE B 175 34.99 -31.80 21.81
C PHE B 175 35.54 -30.38 21.91
N SER B 176 36.58 -30.22 22.73
CA SER B 176 37.20 -28.92 22.95
C SER B 176 38.01 -28.45 21.75
N ASP B 177 38.44 -29.39 20.90
CA ASP B 177 39.23 -29.05 19.71
C ASP B 177 38.40 -29.00 18.42
N ALA B 178 37.07 -29.00 18.55
CA ALA B 178 36.19 -28.92 17.38
C ALA B 178 36.52 -27.67 16.57
N LYS B 179 36.67 -27.85 15.26
CA LYS B 179 36.99 -26.76 14.33
C LYS B 179 35.76 -26.38 13.53
N ARG B 180 35.52 -25.08 13.43
CA ARG B 180 34.38 -24.56 12.73
C ARG B 180 34.67 -24.46 11.23
N LEU B 181 33.77 -25.01 10.42
CA LEU B 181 33.94 -25.01 8.97
C LEU B 181 33.33 -23.73 8.41
N GLU B 182 34.17 -22.83 7.91
CA GLU B 182 33.71 -21.48 7.55
C GLU B 182 32.88 -21.44 6.26
N LYS B 183 33.20 -22.31 5.30
CA LYS B 183 32.48 -22.42 4.04
C LYS B 183 32.27 -23.88 3.68
N ILE B 184 31.07 -24.20 3.19
CA ILE B 184 30.71 -25.55 2.80
C ILE B 184 30.08 -25.54 1.40
N THR B 185 30.60 -26.39 0.53
CA THR B 185 30.20 -26.45 -0.86
C THR B 185 29.37 -27.70 -1.17
N HIS B 186 29.44 -28.70 -0.29
CA HIS B 186 28.72 -29.95 -0.53
C HIS B 186 28.31 -30.55 0.81
N ILE B 187 27.10 -31.11 0.83
CA ILE B 187 26.61 -31.82 2.01
C ILE B 187 26.89 -33.31 1.84
N LYS B 188 27.89 -33.81 2.58
CA LYS B 188 28.23 -35.23 2.57
C LYS B 188 27.04 -36.03 3.08
N GLU B 189 26.64 -37.02 2.29
CA GLU B 189 25.51 -37.88 2.65
C GLU B 189 25.75 -38.59 3.99
N GLU B 190 27.01 -38.72 4.40
CA GLU B 190 27.37 -39.39 5.65
C GLU B 190 27.06 -38.50 6.87
N TRP B 191 26.94 -37.19 6.64
CA TRP B 191 26.48 -36.28 7.68
C TRP B 191 25.00 -36.44 7.98
N LEU B 192 24.28 -37.11 7.10
CA LEU B 192 22.82 -37.20 7.19
C LEU B 192 22.38 -38.54 7.74
N HIS B 202 12.15 -36.04 20.37
CA HIS B 202 12.98 -35.97 19.16
C HIS B 202 13.64 -34.59 19.09
N GLY B 203 12.84 -33.53 19.16
CA GLY B 203 13.35 -32.19 19.48
C GLY B 203 13.63 -31.24 18.33
N THR B 204 14.49 -30.26 18.59
CA THR B 204 14.71 -29.15 17.66
C THR B 204 15.42 -29.56 16.36
N GLY B 205 16.03 -30.74 16.35
CA GLY B 205 16.61 -31.28 15.12
C GLY B 205 18.11 -31.50 15.16
N GLY B 206 18.82 -30.74 15.99
CA GLY B 206 20.28 -30.79 15.99
C GLY B 206 20.85 -30.28 14.67
N ILE B 207 22.08 -30.66 14.38
CA ILE B 207 22.76 -30.16 13.19
C ILE B 207 22.18 -30.75 11.90
N VAL B 208 21.58 -31.94 12.00
CA VAL B 208 21.16 -32.67 10.82
C VAL B 208 20.02 -31.99 10.04
N THR B 209 19.00 -31.46 10.73
CA THR B 209 17.92 -30.76 10.01
C THR B 209 18.44 -29.47 9.38
N LYS B 210 19.48 -28.90 9.99
CA LYS B 210 20.17 -27.76 9.40
C LYS B 210 20.92 -28.17 8.13
N LEU B 211 21.53 -29.35 8.14
CA LEU B 211 22.29 -29.83 6.98
C LEU B 211 21.36 -30.29 5.85
N LYS B 212 20.23 -30.87 6.21
CA LYS B 212 19.23 -31.24 5.21
C LYS B 212 18.70 -29.97 4.52
N ALA B 213 18.48 -28.91 5.30
CA ALA B 213 18.04 -27.64 4.74
C ALA B 213 19.08 -27.09 3.76
N ALA B 214 20.35 -27.16 4.12
CA ALA B 214 21.42 -26.62 3.29
C ALA B 214 21.52 -27.42 1.99
N LYS B 215 21.39 -28.74 2.09
CA LYS B 215 21.38 -29.62 0.93
C LYS B 215 20.25 -29.24 -0.03
N PHE B 216 19.05 -29.02 0.52
CA PHE B 216 17.92 -28.61 -0.30
C PHE B 216 18.29 -27.34 -1.07
N LEU B 217 18.82 -26.34 -0.37
CA LEU B 217 19.12 -25.04 -0.97
C LEU B 217 20.29 -25.07 -1.96
N LEU B 218 21.36 -25.80 -1.65
CA LEU B 218 22.46 -25.97 -2.63
C LEU B 218 21.95 -26.59 -3.92
N GLU B 219 21.13 -27.64 -3.80
CA GLU B 219 20.49 -28.25 -4.96
C GLU B 219 19.57 -27.30 -5.76
N HIS B 220 19.10 -26.23 -5.13
CA HIS B 220 18.28 -25.23 -5.84
C HIS B 220 19.02 -23.93 -6.07
N ASN B 221 20.35 -24.03 -6.16
CA ASN B 221 21.25 -22.89 -6.44
C ASN B 221 21.10 -21.74 -5.46
N LYS B 222 20.84 -22.06 -4.19
CA LYS B 222 20.68 -21.02 -3.18
C LYS B 222 21.66 -21.23 -2.03
N LYS B 223 21.69 -20.28 -1.11
CA LYS B 223 22.69 -20.26 -0.04
C LYS B 223 22.03 -20.28 1.33
N MSE B 224 22.83 -20.67 2.32
CA MSE B 224 22.43 -20.72 3.71
C MSE B 224 23.56 -20.24 4.62
O MSE B 224 24.73 -20.58 4.41
CB MSE B 224 22.01 -22.13 4.10
CG MSE B 224 21.14 -22.15 5.33
SE MSE B 224 20.69 -23.91 5.96
CE MSE B 224 22.00 -24.01 7.41
N PHE B 225 23.22 -19.48 5.65
CA PHE B 225 24.20 -19.02 6.63
C PHE B 225 23.73 -19.40 8.03
N LEU B 226 24.51 -20.25 8.69
CA LEU B 226 24.24 -20.65 10.06
C LEU B 226 25.05 -19.76 10.99
N ALA B 227 24.36 -19.12 11.93
CA ALA B 227 24.98 -18.19 12.85
C ALA B 227 24.24 -18.18 14.19
N SER B 228 24.84 -17.52 15.17
CA SER B 228 24.26 -17.44 16.52
C SER B 228 23.08 -16.47 16.58
N GLY B 229 22.00 -16.91 17.24
CA GLY B 229 20.85 -16.04 17.53
C GLY B 229 20.93 -15.36 18.89
N PHE B 230 21.90 -15.75 19.72
CA PHE B 230 22.08 -15.17 21.06
C PHE B 230 23.00 -13.96 21.00
N ASP B 231 24.04 -14.07 20.17
CA ASP B 231 24.92 -12.94 19.88
C ASP B 231 24.81 -12.68 18.37
N LEU B 232 24.17 -11.58 18.00
CA LEU B 232 23.88 -11.28 16.59
C LEU B 232 25.04 -10.66 15.80
N SER B 233 26.17 -10.42 16.45
CA SER B 233 27.34 -9.77 15.82
C SER B 233 27.81 -10.42 14.52
N VAL B 234 27.95 -11.73 14.54
CA VAL B 234 28.38 -12.47 13.35
C VAL B 234 27.37 -12.27 12.20
N ALA B 235 26.09 -12.44 12.49
CA ALA B 235 25.05 -12.27 11.48
C ALA B 235 24.97 -10.84 10.97
N LYS B 236 25.00 -9.86 11.88
CA LYS B 236 24.97 -8.44 11.52
C LYS B 236 26.12 -8.09 10.59
N THR B 237 27.33 -8.48 11.00
CA THR B 237 28.52 -8.17 10.23
C THR B 237 28.44 -8.80 8.85
N PHE B 238 27.96 -10.04 8.79
CA PHE B 238 27.85 -10.76 7.52
C PHE B 238 26.87 -10.08 6.57
N LEU B 239 25.73 -9.62 7.10
CA LEU B 239 24.65 -9.08 6.27
C LEU B 239 24.69 -7.57 6.07
N LEU B 240 25.18 -6.84 7.06
CA LEU B 240 25.21 -5.38 6.99
C LEU B 240 26.59 -4.86 6.60
N GLU B 241 27.63 -5.67 6.79
CA GLU B 241 29.00 -5.25 6.48
C GLU B 241 29.69 -6.21 5.49
N ASP B 242 28.90 -7.02 4.79
CA ASP B 242 29.40 -8.07 3.90
C ASP B 242 30.80 -8.58 4.25
N LYS B 243 30.90 -9.28 5.37
CA LYS B 243 32.17 -9.83 5.87
C LYS B 243 31.89 -10.93 6.89
N GLN B 244 32.49 -12.10 6.68
CA GLN B 244 32.27 -13.24 7.56
C GLN B 244 33.35 -13.32 8.65
N ILE B 245 32.95 -13.12 9.90
CA ILE B 245 33.84 -13.28 11.06
C ILE B 245 33.40 -14.46 11.93
N GLY B 246 32.45 -15.25 11.44
CA GLY B 246 31.90 -16.35 12.21
C GLY B 246 30.92 -17.13 11.35
N GLY B 247 30.28 -18.13 11.95
CA GLY B 247 29.23 -18.87 11.27
C GLY B 247 29.75 -19.75 10.15
N THR B 248 28.83 -20.43 9.48
CA THR B 248 29.15 -21.28 8.34
C THR B 248 28.30 -20.84 7.16
N LEU B 249 28.94 -20.60 6.02
CA LEU B 249 28.26 -20.22 4.80
C LEU B 249 28.20 -21.44 3.90
N PHE B 250 26.99 -21.77 3.44
CA PHE B 250 26.75 -22.89 2.53
C PHE B 250 26.39 -22.31 1.17
N GLU B 251 27.19 -22.60 0.16
CA GLU B 251 26.97 -22.08 -1.20
C GLU B 251 27.68 -22.92 -2.27
N LYS C 2 20.48 39.94 -9.67
CA LYS C 2 21.22 38.65 -9.70
C LYS C 2 20.26 37.54 -9.28
N ARG C 3 20.40 36.39 -9.93
CA ARG C 3 19.46 35.31 -9.80
C ARG C 3 20.17 34.08 -9.29
N ILE C 4 19.60 33.48 -8.26
CA ILE C 4 20.19 32.26 -7.68
C ILE C 4 19.18 31.12 -7.63
N VAL C 5 19.69 29.90 -7.71
CA VAL C 5 18.86 28.74 -7.46
C VAL C 5 19.29 28.13 -6.14
N VAL C 6 18.31 27.91 -5.27
CA VAL C 6 18.53 27.22 -4.02
C VAL C 6 17.88 25.85 -4.11
N LYS C 7 18.71 24.82 -4.00
CA LYS C 7 18.28 23.45 -4.01
C LYS C 7 18.35 22.89 -2.58
N VAL C 8 17.22 22.38 -2.09
CA VAL C 8 17.17 21.74 -0.78
C VAL C 8 16.87 20.25 -0.93
N GLY C 9 17.77 19.43 -0.43
CA GLY C 9 17.64 17.97 -0.52
C GLY C 9 16.69 17.40 0.52
N SER C 10 16.34 16.13 0.33
CA SER C 10 15.32 15.49 1.16
C SER C 10 15.66 15.50 2.65
N HIS C 11 16.89 15.10 3.00
CA HIS C 11 17.31 15.07 4.41
C HIS C 11 17.09 16.40 5.14
N VAL C 12 17.31 17.52 4.45
CA VAL C 12 17.28 18.84 5.05
C VAL C 12 15.90 19.27 5.53
N ILE C 13 14.84 18.75 4.91
CA ILE C 13 13.49 19.19 5.24
C ILE C 13 12.56 18.05 5.69
N SER C 14 13.12 16.89 5.95
CA SER C 14 12.35 15.77 6.48
C SER C 14 13.12 15.07 7.58
N GLU C 15 12.38 14.61 8.59
CA GLU C 15 12.92 13.73 9.64
C GLU C 15 12.50 12.30 9.33
N GLU C 16 12.80 11.39 10.26
CA GLU C 16 12.49 9.97 10.12
C GLU C 16 11.19 9.70 9.36
N ASN C 17 10.07 9.98 10.02
CA ASN C 17 8.74 9.60 9.51
C ASN C 17 7.85 10.86 9.37
N THR C 18 8.49 12.00 9.13
CA THR C 18 7.80 13.29 9.07
C THR C 18 8.52 14.28 8.16
N LEU C 19 7.88 15.42 7.92
CA LEU C 19 8.56 16.62 7.47
C LEU C 19 9.13 17.32 8.70
N SER C 20 10.31 17.92 8.55
CA SER C 20 10.89 18.77 9.59
C SER C 20 10.33 20.19 9.43
N PHE C 21 9.26 20.48 10.16
CA PHE C 21 8.65 21.82 10.08
C PHE C 21 9.56 22.88 10.67
N GLU C 22 10.41 22.49 11.60
CA GLU C 22 11.41 23.39 12.14
C GLU C 22 12.34 23.85 11.04
N ARG C 23 12.99 22.89 10.38
CA ARG C 23 13.96 23.21 9.35
C ARG C 23 13.28 23.81 8.09
N LEU C 24 12.05 23.41 7.82
CA LEU C 24 11.25 24.06 6.78
C LEU C 24 10.97 25.52 7.12
N LYS C 25 10.62 25.80 8.38
CA LYS C 25 10.41 27.19 8.80
C LYS C 25 11.65 28.04 8.66
N ASN C 26 12.77 27.52 9.16
CA ASN C 26 14.07 28.16 9.04
C ASN C 26 14.45 28.44 7.58
N LEU C 27 14.15 27.48 6.71
CA LEU C 27 14.48 27.63 5.29
C LEU C 27 13.65 28.76 4.68
N VAL C 28 12.35 28.77 4.97
CA VAL C 28 11.48 29.75 4.35
C VAL C 28 11.84 31.16 4.81
N ALA C 29 12.19 31.31 6.09
CA ALA C 29 12.62 32.58 6.64
C ALA C 29 13.90 33.06 5.95
N PHE C 30 14.83 32.11 5.73
CA PHE C 30 16.03 32.36 4.93
C PHE C 30 15.68 32.81 3.52
N LEU C 31 14.77 32.09 2.85
CA LEU C 31 14.37 32.43 1.49
C LEU C 31 13.72 33.81 1.37
N ALA C 32 12.88 34.17 2.34
CA ALA C 32 12.31 35.51 2.41
C ALA C 32 13.37 36.60 2.41
N LYS C 33 14.44 36.40 3.18
CA LYS C 33 15.56 37.34 3.24
C LYS C 33 16.32 37.37 1.92
N LEU C 34 16.58 36.19 1.36
CA LEU C 34 17.23 36.08 0.06
C LEU C 34 16.46 36.81 -1.03
N MSE C 35 15.13 36.71 -0.98
CA MSE C 35 14.28 37.38 -1.98
C MSE C 35 14.35 38.90 -1.93
O MSE C 35 14.21 39.55 -2.98
CB MSE C 35 12.85 36.89 -1.86
CG MSE C 35 12.68 35.49 -2.44
SE MSE C 35 10.89 34.77 -2.22
CE MSE C 35 10.91 34.12 -0.56
N GLU C 36 14.58 39.47 -0.75
CA GLU C 36 14.82 40.92 -0.63
C GLU C 36 16.06 41.39 -1.41
N LYS C 37 17.02 40.48 -1.63
CA LYS C 37 18.30 40.81 -2.28
C LYS C 37 18.50 40.18 -3.67
N TYR C 38 17.82 39.07 -3.95
CA TYR C 38 18.04 38.32 -5.19
C TYR C 38 16.73 37.87 -5.83
N GLU C 39 16.80 37.58 -7.13
CA GLU C 39 15.77 36.76 -7.77
C GLU C 39 16.08 35.33 -7.37
N VAL C 40 15.10 34.62 -6.82
CA VAL C 40 15.31 33.28 -6.26
C VAL C 40 14.40 32.26 -6.90
N ILE C 41 14.97 31.10 -7.18
CA ILE C 41 14.22 29.93 -7.61
C ILE C 41 14.56 28.82 -6.61
N LEU C 42 13.53 28.16 -6.11
CA LEU C 42 13.74 27.04 -5.22
C LEU C 42 13.54 25.73 -5.97
N VAL C 43 14.43 24.79 -5.72
CA VAL C 43 14.28 23.42 -6.19
C VAL C 43 14.17 22.54 -4.94
N THR C 44 13.02 21.90 -4.75
CA THR C 44 12.77 21.10 -3.54
C THR C 44 12.66 19.61 -3.81
N SER C 45 13.08 18.80 -2.84
CA SER C 45 12.73 17.38 -2.77
C SER C 45 11.70 17.21 -1.64
N ALA C 46 11.59 15.98 -1.12
CA ALA C 46 10.77 15.63 0.04
C ALA C 46 9.29 15.52 -0.24
N ALA C 47 8.91 15.44 -1.52
CA ALA C 47 7.53 15.12 -1.89
C ALA C 47 7.17 13.67 -1.50
N ILE C 48 8.14 12.77 -1.56
CA ILE C 48 7.97 11.39 -1.06
C ILE C 48 7.77 11.30 0.46
N SER C 49 8.57 12.05 1.23
CA SER C 49 8.40 12.15 2.68
C SER C 49 7.04 12.69 3.05
N ALA C 50 6.69 13.83 2.45
CA ALA C 50 5.37 14.43 2.63
C ALA C 50 4.26 13.43 2.32
N GLY C 51 4.43 12.69 1.24
CA GLY C 51 3.45 11.71 0.81
C GLY C 51 3.30 10.60 1.84
N HIS C 52 4.43 10.21 2.44
CA HIS C 52 4.44 9.16 3.44
C HIS C 52 3.62 9.51 4.68
N THR C 53 3.50 10.80 4.99
CA THR C 53 2.66 11.24 6.13
C THR C 53 1.17 10.97 5.86
N LYS C 54 0.78 10.86 4.59
CA LYS C 54 -0.59 10.57 4.21
C LYS C 54 -0.85 9.10 3.88
N LEU C 55 0.18 8.40 3.38
CA LEU C 55 0.04 7.01 2.97
C LEU C 55 1.24 6.21 3.43
N ASP C 56 0.98 5.26 4.31
CA ASP C 56 2.00 4.46 4.95
C ASP C 56 2.34 3.21 4.14
N ILE C 57 3.06 3.40 3.05
CA ILE C 57 3.65 2.31 2.31
C ILE C 57 5.17 2.52 2.23
N ASP C 58 5.90 1.44 2.03
CA ASP C 58 7.35 1.48 2.02
C ASP C 58 7.88 2.24 0.79
N ARG C 59 9.03 2.89 0.96
CA ARG C 59 9.61 3.77 -0.07
C ARG C 59 10.64 3.11 -0.95
N LYS C 60 11.00 1.85 -0.68
CA LYS C 60 12.09 1.22 -1.42
C LYS C 60 11.74 1.03 -2.89
N ASN C 61 10.53 0.55 -3.16
CA ASN C 61 10.12 0.30 -4.54
C ASN C 61 10.00 1.62 -5.28
N LEU C 62 10.48 1.62 -6.51
CA LEU C 62 10.47 2.82 -7.34
C LEU C 62 9.05 3.31 -7.59
N ILE C 63 8.13 2.39 -7.86
CA ILE C 63 6.74 2.79 -8.14
C ILE C 63 6.06 3.35 -6.87
N ASN C 64 6.36 2.78 -5.71
CA ASN C 64 5.88 3.33 -4.44
C ASN C 64 6.30 4.78 -4.30
N LYS C 65 7.55 5.06 -4.63
CA LYS C 65 8.09 6.42 -4.56
C LYS C 65 7.31 7.38 -5.48
N GLN C 66 6.94 6.92 -6.67
CA GLN C 66 6.13 7.74 -7.57
C GLN C 66 4.76 7.99 -6.98
N VAL C 67 4.18 6.98 -6.36
CA VAL C 67 2.85 7.11 -5.77
C VAL C 67 2.92 8.11 -4.61
N LEU C 68 3.92 7.95 -3.75
CA LEU C 68 4.10 8.84 -2.62
C LEU C 68 4.39 10.28 -3.09
N ALA C 69 5.18 10.44 -4.14
CA ALA C 69 5.40 11.79 -4.71
C ALA C 69 4.10 12.41 -5.23
N ALA C 70 3.27 11.62 -5.91
CA ALA C 70 2.02 12.14 -6.47
C ALA C 70 1.10 12.69 -5.37
N ILE C 71 1.05 12.01 -4.23
CA ILE C 71 0.28 12.46 -3.09
C ILE C 71 0.96 13.65 -2.37
N GLY C 72 2.25 13.50 -2.12
CA GLY C 72 2.96 14.41 -1.26
C GLY C 72 3.27 15.77 -1.88
N GLN C 73 3.52 15.77 -3.19
CA GLN C 73 3.98 16.98 -3.88
C GLN C 73 3.07 18.19 -3.66
N PRO C 74 1.77 18.07 -3.98
CA PRO C 74 0.88 19.19 -3.78
C PRO C 74 0.69 19.57 -2.30
N PHE C 75 0.77 18.59 -1.41
CA PHE C 75 0.74 18.86 0.02
C PHE C 75 2.01 19.61 0.48
N LEU C 76 3.17 19.27 -0.09
CA LEU C 76 4.40 19.99 0.21
C LEU C 76 4.32 21.46 -0.22
N ILE C 77 3.70 21.74 -1.37
CA ILE C 77 3.57 23.11 -1.84
C ILE C 77 2.65 23.89 -0.89
N SER C 78 1.59 23.24 -0.42
CA SER C 78 0.67 23.86 0.53
C SER C 78 1.40 24.22 1.82
N VAL C 79 2.32 23.36 2.26
CA VAL C 79 3.14 23.64 3.45
C VAL C 79 4.07 24.82 3.22
N TYR C 80 4.77 24.82 2.09
CA TYR C 80 5.62 25.95 1.69
C TYR C 80 4.81 27.24 1.66
N ASN C 81 3.63 27.18 1.07
CA ASN C 81 2.78 28.36 0.92
C ASN C 81 2.24 28.90 2.23
N GLU C 82 1.90 27.98 3.13
CA GLU C 82 1.48 28.34 4.47
C GLU C 82 2.63 29.09 5.18
N LEU C 83 3.85 28.61 5.01
CA LEU C 83 5.01 29.23 5.63
C LEU C 83 5.38 30.57 4.97
N LEU C 84 5.29 30.64 3.64
CA LEU C 84 5.55 31.87 2.88
C LEU C 84 4.58 32.99 3.21
N ALA C 85 3.36 32.64 3.62
CA ALA C 85 2.33 33.63 3.94
C ALA C 85 2.72 34.55 5.13
N LYS C 86 3.52 34.03 6.05
CA LYS C 86 4.11 34.82 7.12
C LYS C 86 4.86 36.04 6.57
N PHE C 87 5.43 35.92 5.38
CA PHE C 87 6.23 36.98 4.80
C PHE C 87 5.53 37.61 3.61
N ASN C 88 4.21 37.43 3.53
CA ASN C 88 3.41 38.02 2.47
C ASN C 88 3.83 37.53 1.06
N LYS C 89 4.28 36.27 0.98
CA LYS C 89 4.71 35.68 -0.28
C LYS C 89 3.82 34.50 -0.71
N LEU C 90 3.74 34.28 -2.02
CA LEU C 90 3.12 33.09 -2.62
C LEU C 90 4.23 32.27 -3.27
N GLY C 91 3.97 30.97 -3.42
CA GLY C 91 4.85 30.07 -4.15
C GLY C 91 4.08 29.40 -5.27
N GLY C 92 4.72 29.16 -6.41
CA GLY C 92 4.12 28.38 -7.50
C GLY C 92 4.83 27.06 -7.75
N GLN C 93 4.06 26.08 -8.22
CA GLN C 93 4.59 24.76 -8.49
C GLN C 93 5.04 24.61 -9.95
N ILE C 94 6.27 24.18 -10.14
CA ILE C 94 6.80 23.82 -11.45
C ILE C 94 7.32 22.38 -11.38
N LEU C 95 6.81 21.51 -12.25
CA LEU C 95 7.35 20.16 -12.36
C LEU C 95 8.08 19.96 -13.67
N LEU C 96 9.31 19.50 -13.56
CA LEU C 96 10.24 19.39 -14.69
C LEU C 96 10.98 18.06 -14.68
N THR C 97 11.49 17.68 -15.84
CA THR C 97 12.36 16.51 -15.96
C THR C 97 13.62 16.91 -16.71
N GLY C 98 14.66 16.09 -16.58
CA GLY C 98 15.92 16.30 -17.30
C GLY C 98 15.66 16.37 -18.79
N LYS C 99 14.74 15.53 -19.24
CA LYS C 99 14.32 15.51 -20.64
C LYS C 99 13.64 16.80 -21.12
N ASP C 100 12.85 17.46 -20.26
CA ASP C 100 12.29 18.77 -20.62
C ASP C 100 13.39 19.75 -21.02
N PHE C 101 14.52 19.72 -20.30
CA PHE C 101 15.63 20.60 -20.57
C PHE C 101 16.34 20.30 -21.90
N ASP C 102 16.10 19.14 -22.50
CA ASP C 102 16.58 18.89 -23.85
C ASP C 102 15.65 19.53 -24.90
N SER C 103 14.41 19.82 -24.54
CA SER C 103 13.42 20.40 -25.48
C SER C 103 13.45 21.91 -25.39
N ARG C 104 13.77 22.56 -26.51
CA ARG C 104 13.76 24.02 -26.58
C ARG C 104 12.37 24.58 -26.26
N LYS C 105 11.34 23.91 -26.77
CA LYS C 105 9.94 24.35 -26.56
C LYS C 105 9.51 24.24 -25.09
N ALA C 106 9.78 23.11 -24.45
CA ALA C 106 9.39 22.87 -23.05
C ALA C 106 10.13 23.82 -22.11
N THR C 107 11.42 24.01 -22.38
CA THR C 107 12.25 24.92 -21.59
C THR C 107 11.80 26.36 -21.69
N LYS C 108 11.45 26.81 -22.90
CA LYS C 108 11.03 28.20 -23.08
C LYS C 108 9.70 28.46 -22.38
N HIS C 109 8.76 27.53 -22.51
CA HIS C 109 7.48 27.65 -21.82
C HIS C 109 7.67 27.77 -20.33
N ALA C 110 8.58 26.96 -19.78
CA ALA C 110 8.86 27.00 -18.35
C ALA C 110 9.58 28.27 -17.94
N LYS C 111 10.55 28.68 -18.77
CA LYS C 111 11.30 29.90 -18.49
C LYS C 111 10.37 31.10 -18.51
N ASN C 112 9.41 31.12 -19.44
CA ASN C 112 8.41 32.17 -19.49
C ASN C 112 7.64 32.30 -18.19
N ALA C 113 7.16 31.16 -17.68
CA ALA C 113 6.36 31.14 -16.47
C ALA C 113 7.19 31.54 -15.26
N ILE C 114 8.39 30.96 -15.14
CA ILE C 114 9.33 31.29 -14.08
C ILE C 114 9.75 32.78 -14.07
N ASP C 115 10.05 33.34 -15.23
CA ASP C 115 10.40 34.77 -15.33
C ASP C 115 9.25 35.68 -14.90
N MSE C 116 8.03 35.36 -15.31
CA MSE C 116 6.86 36.16 -14.92
C MSE C 116 6.60 36.04 -13.43
O MSE C 116 6.29 37.03 -12.79
CB MSE C 116 5.61 35.73 -15.70
CG MSE C 116 4.40 36.66 -15.51
SE MSE C 116 4.83 38.55 -15.96
CE MSE C 116 4.92 38.32 -17.87
N MSE C 117 6.73 34.83 -12.86
CA MSE C 117 6.59 34.67 -11.41
C MSE C 117 7.56 35.54 -10.63
O MSE C 117 7.19 36.20 -9.66
CB MSE C 117 6.78 33.20 -10.99
CG MSE C 117 5.64 32.28 -11.38
SE MSE C 117 5.97 30.40 -10.91
CE MSE C 117 5.90 30.58 -9.19
N ILE C 118 8.82 35.50 -11.04
CA ILE C 118 9.87 36.28 -10.40
C ILE C 118 9.59 37.79 -10.48
N ASN C 119 9.21 38.28 -11.67
CA ASN C 119 8.81 39.68 -11.85
C ASN C 119 7.62 40.06 -10.97
N LEU C 120 6.76 39.10 -10.65
CA LEU C 120 5.61 39.35 -9.78
C LEU C 120 5.90 39.08 -8.30
N GLY C 121 7.12 38.70 -7.95
CA GLY C 121 7.47 38.43 -6.55
C GLY C 121 7.03 37.06 -6.02
N ILE C 122 6.63 36.18 -6.93
CA ILE C 122 6.21 34.82 -6.58
C ILE C 122 7.42 33.90 -6.65
N LEU C 123 7.57 33.03 -5.65
CA LEU C 123 8.66 32.06 -5.64
C LEU C 123 8.36 30.85 -6.53
N PRO C 124 9.17 30.61 -7.58
CA PRO C 124 9.06 29.35 -8.29
C PRO C 124 9.65 28.21 -7.45
N ILE C 125 8.87 27.15 -7.28
CA ILE C 125 9.28 25.95 -6.55
C ILE C 125 9.25 24.78 -7.53
N ILE C 126 10.43 24.27 -7.83
CA ILE C 126 10.64 23.26 -8.85
C ILE C 126 10.85 21.91 -8.16
N ASN C 127 10.21 20.87 -8.69
CA ASN C 127 10.55 19.49 -8.33
C ASN C 127 10.51 18.63 -9.59
N GLU C 128 11.12 17.45 -9.54
CA GLU C 128 11.00 16.49 -10.65
C GLU C 128 9.54 16.06 -10.83
N ASN C 129 9.11 15.91 -12.08
CA ASN C 129 7.82 15.28 -12.39
C ASN C 129 7.96 13.76 -12.27
N ASP C 130 7.60 13.26 -11.10
CA ASP C 130 7.77 11.83 -10.78
C ASP C 130 6.70 10.93 -11.42
N ALA C 131 5.78 11.49 -12.19
CA ALA C 131 4.88 10.70 -13.01
C ALA C 131 5.57 10.21 -14.27
N THR C 132 6.34 11.08 -14.92
CA THR C 132 6.90 10.80 -16.23
C THR C 132 8.41 10.52 -16.25
N ALA C 133 9.11 10.84 -15.17
CA ALA C 133 10.56 10.61 -15.07
C ALA C 133 10.90 10.15 -13.66
N ILE C 134 11.96 9.34 -13.56
CA ILE C 134 12.36 8.75 -12.28
C ILE C 134 13.84 8.92 -11.94
N GLU C 135 14.61 9.57 -12.82
CA GLU C 135 16.05 9.69 -12.65
C GLU C 135 16.45 10.19 -11.25
N GLU C 136 15.86 11.31 -10.82
CA GLU C 136 16.21 11.92 -9.55
C GLU C 136 15.74 11.11 -8.32
N ILE C 137 14.61 10.42 -8.49
CA ILE C 137 14.12 9.47 -7.51
C ILE C 137 15.09 8.32 -7.32
N VAL C 138 15.67 7.83 -8.41
CA VAL C 138 16.58 6.70 -8.36
C VAL C 138 17.94 7.12 -7.82
N PHE C 139 18.50 8.18 -8.35
CA PHE C 139 19.85 8.61 -8.00
C PHE C 139 20.03 10.11 -8.26
N GLY C 140 20.25 10.89 -7.20
CA GLY C 140 20.56 12.31 -7.36
C GLY C 140 19.75 13.28 -6.52
N ASP C 141 18.50 12.94 -6.21
CA ASP C 141 17.67 13.78 -5.35
C ASP C 141 17.68 15.27 -5.78
N ASN C 142 17.61 15.51 -7.11
CA ASN C 142 17.45 16.85 -7.73
C ASN C 142 18.75 17.67 -7.95
N ASP C 143 19.91 17.05 -7.74
CA ASP C 143 21.17 17.76 -7.94
C ASP C 143 21.35 18.17 -9.40
N SER C 144 21.20 17.22 -10.31
CA SER C 144 21.30 17.52 -11.74
C SER C 144 20.17 18.44 -12.23
N LEU C 145 18.94 18.16 -11.83
CA LEU C 145 17.80 19.02 -12.18
C LEU C 145 18.05 20.47 -11.78
N SER C 146 18.57 20.69 -10.57
CA SER C 146 18.88 22.04 -10.10
C SER C 146 19.98 22.73 -10.91
N ALA C 147 20.95 21.95 -11.39
CA ALA C 147 22.09 22.50 -12.14
C ALA C 147 21.62 22.96 -13.53
N TYR C 148 20.80 22.13 -14.16
CA TYR C 148 20.14 22.45 -15.41
C TYR C 148 19.21 23.67 -15.29
N ALA C 149 18.46 23.77 -14.18
CA ALA C 149 17.62 24.93 -13.94
C ALA C 149 18.43 26.22 -13.84
N THR C 150 19.56 26.16 -13.14
CA THR C 150 20.47 27.30 -13.01
C THR C 150 20.96 27.83 -14.36
N HIS C 151 21.41 26.94 -15.24
CA HIS C 151 21.84 27.34 -16.57
C HIS C 151 20.66 27.78 -17.43
N PHE C 152 19.67 26.92 -17.62
CA PHE C 152 18.62 27.20 -18.60
C PHE C 152 17.60 28.29 -18.17
N PHE C 153 17.47 28.58 -16.88
CA PHE C 153 16.71 29.75 -16.46
C PHE C 153 17.60 30.96 -16.12
N ASP C 154 18.85 30.95 -16.61
CA ASP C 154 19.74 32.11 -16.55
C ASP C 154 19.99 32.63 -15.14
N ALA C 155 20.25 31.72 -14.21
CA ALA C 155 20.71 32.09 -12.88
C ALA C 155 22.22 32.18 -12.91
N ASP C 156 22.79 32.77 -11.88
CA ASP C 156 24.22 32.98 -11.78
C ASP C 156 24.91 31.98 -10.86
N LEU C 157 24.14 31.36 -9.98
CA LEU C 157 24.69 30.55 -8.91
C LEU C 157 23.69 29.53 -8.39
N LEU C 158 24.16 28.31 -8.19
CA LEU C 158 23.39 27.27 -7.51
C LEU C 158 23.93 27.09 -6.09
N VAL C 159 23.03 27.14 -5.11
CA VAL C 159 23.36 26.80 -3.73
C VAL C 159 22.69 25.49 -3.39
N ILE C 160 23.49 24.46 -3.16
CA ILE C 160 22.97 23.18 -2.70
C ILE C 160 23.09 23.16 -1.19
N LEU C 161 21.94 23.09 -0.51
CA LEU C 161 21.87 22.90 0.93
C LEU C 161 21.72 21.39 1.16
N SER C 162 22.61 20.86 1.99
CA SER C 162 22.81 19.42 2.09
C SER C 162 22.99 19.00 3.54
N ASP C 163 23.01 17.69 3.79
CA ASP C 163 23.36 17.23 5.12
C ASP C 163 24.88 17.28 5.34
N ILE C 164 25.67 17.28 4.27
CA ILE C 164 27.09 17.66 4.41
C ILE C 164 27.32 19.15 4.23
N ASP C 165 28.29 19.64 5.02
CA ASP C 165 28.57 21.06 5.12
C ASP C 165 29.60 21.56 4.10
N GLY C 166 30.15 20.65 3.28
CA GLY C 166 31.17 21.03 2.30
C GLY C 166 31.77 19.84 1.59
N PHE C 167 32.64 20.12 0.63
CA PHE C 167 33.38 19.08 -0.11
C PHE C 167 34.79 18.91 0.47
N TYR C 168 35.17 17.66 0.73
CA TYR C 168 36.39 17.31 1.45
C TYR C 168 37.39 16.63 0.56
N ASP C 169 38.64 16.59 1.00
CA ASP C 169 39.72 15.91 0.26
C ASP C 169 39.64 14.39 0.36
N LYS C 170 38.81 13.90 1.28
CA LYS C 170 38.44 12.49 1.36
C LYS C 170 37.14 12.35 2.14
N ASN C 171 36.54 11.16 2.09
CA ASN C 171 35.24 10.92 2.70
C ASN C 171 35.31 11.17 4.20
N PRO C 172 34.58 12.19 4.68
CA PRO C 172 34.62 12.51 6.10
C PRO C 172 33.85 11.50 6.97
N SER C 173 32.85 10.85 6.39
CA SER C 173 32.15 9.76 7.08
C SER C 173 33.10 8.59 7.35
N GLU C 174 34.08 8.40 6.46
CA GLU C 174 35.05 7.32 6.62
C GLU C 174 36.31 7.78 7.35
N PHE C 175 36.88 8.88 6.88
CA PHE C 175 38.18 9.34 7.39
C PHE C 175 38.00 10.49 8.39
N SER C 176 38.84 10.47 9.42
CA SER C 176 38.75 11.40 10.54
C SER C 176 39.65 12.63 10.31
N ASP C 177 40.68 12.47 9.48
CA ASP C 177 41.57 13.59 9.11
C ASP C 177 41.17 14.31 7.79
N ALA C 178 39.94 14.10 7.34
CA ALA C 178 39.46 14.72 6.10
C ALA C 178 39.38 16.23 6.24
N LYS C 179 39.90 16.95 5.24
CA LYS C 179 39.91 18.41 5.25
C LYS C 179 38.99 19.01 4.19
N ARG C 180 38.28 20.06 4.60
CA ARG C 180 37.33 20.76 3.74
C ARG C 180 38.04 21.58 2.67
N LEU C 181 37.68 21.37 1.40
CA LEU C 181 38.16 22.19 0.29
C LEU C 181 37.25 23.39 0.13
N GLU C 182 37.84 24.59 0.17
CA GLU C 182 37.07 25.83 0.25
C GLU C 182 36.65 26.32 -1.12
N LYS C 183 37.54 26.18 -2.10
CA LYS C 183 37.32 26.59 -3.48
C LYS C 183 37.79 25.50 -4.42
N ILE C 184 37.02 25.26 -5.47
CA ILE C 184 37.35 24.27 -6.50
C ILE C 184 37.13 24.91 -7.88
N THR C 185 38.08 24.75 -8.77
CA THR C 185 38.01 25.33 -10.11
C THR C 185 37.91 24.28 -11.21
N HIS C 186 38.10 23.02 -10.86
CA HIS C 186 38.08 21.94 -11.83
C HIS C 186 37.64 20.65 -11.15
N ILE C 187 36.75 19.91 -11.82
CA ILE C 187 36.23 18.65 -11.32
C ILE C 187 37.03 17.52 -11.96
N LYS C 188 37.87 16.86 -11.15
CA LYS C 188 38.69 15.75 -11.65
C LYS C 188 37.83 14.60 -12.12
N GLU C 189 38.08 14.13 -13.34
CA GLU C 189 37.33 13.02 -13.92
C GLU C 189 37.39 11.77 -13.04
N GLU C 190 38.48 11.62 -12.30
CA GLU C 190 38.61 10.48 -11.37
C GLU C 190 37.57 10.52 -10.25
N TRP C 191 37.08 11.71 -9.90
CA TRP C 191 36.09 11.90 -8.84
C TRP C 191 34.68 11.43 -9.21
N LEU C 192 34.44 11.17 -10.50
CA LEU C 192 33.10 10.91 -11.01
C LEU C 192 32.88 9.45 -11.37
N HIS C 202 20.16 2.95 -5.24
CA HIS C 202 21.19 3.94 -5.52
C HIS C 202 21.25 5.09 -4.50
N GLY C 203 20.14 5.81 -4.32
CA GLY C 203 19.99 6.75 -3.20
C GLY C 203 19.96 8.24 -3.53
N THR C 204 20.29 9.05 -2.54
CA THR C 204 20.31 10.50 -2.71
C THR C 204 21.40 10.96 -3.69
N GLY C 205 22.49 10.21 -3.80
CA GLY C 205 23.53 10.52 -4.78
C GLY C 205 24.92 10.75 -4.20
N GLY C 206 24.99 10.97 -2.89
CA GLY C 206 26.27 11.23 -2.26
C GLY C 206 26.95 12.47 -2.81
N ILE C 207 28.28 12.47 -2.72
CA ILE C 207 29.07 13.58 -3.23
C ILE C 207 29.10 13.57 -4.77
N VAL C 208 29.08 12.39 -5.37
CA VAL C 208 29.28 12.26 -6.81
C VAL C 208 28.28 13.07 -7.65
N THR C 209 27.01 13.11 -7.26
CA THR C 209 25.99 13.84 -8.01
C THR C 209 26.12 15.36 -7.85
N LYS C 210 26.65 15.79 -6.71
CA LYS C 210 27.01 17.19 -6.49
C LYS C 210 28.15 17.63 -7.41
N LEU C 211 29.19 16.80 -7.50
CA LEU C 211 30.34 17.05 -8.37
C LEU C 211 30.01 17.02 -9.85
N LYS C 212 29.12 16.12 -10.25
CA LYS C 212 28.60 16.12 -11.62
C LYS C 212 27.82 17.42 -11.92
N ALA C 213 27.03 17.88 -10.97
CA ALA C 213 26.33 19.17 -11.07
C ALA C 213 27.29 20.35 -11.18
N ALA C 214 28.34 20.34 -10.35
CA ALA C 214 29.37 21.36 -10.38
C ALA C 214 30.12 21.38 -11.72
N LYS C 215 30.43 20.21 -12.25
CA LYS C 215 31.11 20.11 -13.55
C LYS C 215 30.25 20.73 -14.65
N PHE C 216 28.97 20.34 -14.70
CA PHE C 216 28.03 20.97 -15.64
C PHE C 216 28.04 22.50 -15.53
N LEU C 217 28.00 22.99 -14.30
CA LEU C 217 27.92 24.42 -14.06
C LEU C 217 29.22 25.14 -14.45
N LEU C 218 30.37 24.55 -14.11
CA LEU C 218 31.65 25.14 -14.47
C LEU C 218 31.82 25.20 -16.00
N GLU C 219 31.41 24.13 -16.69
CA GLU C 219 31.37 24.10 -18.15
C GLU C 219 30.47 25.19 -18.76
N HIS C 220 29.54 25.71 -17.98
CA HIS C 220 28.65 26.77 -18.44
C HIS C 220 28.95 28.11 -17.77
N ASN C 221 30.15 28.23 -17.18
CA ASN C 221 30.62 29.46 -16.53
C ASN C 221 29.68 29.94 -15.44
N LYS C 222 29.10 28.99 -14.73
CA LYS C 222 28.28 29.28 -13.57
C LYS C 222 29.05 28.88 -12.32
N LYS C 223 28.45 29.17 -11.18
CA LYS C 223 29.04 28.88 -9.88
C LYS C 223 28.11 27.98 -9.07
N MSE C 224 28.68 27.23 -8.14
CA MSE C 224 27.92 26.44 -7.21
C MSE C 224 28.54 26.56 -5.82
O MSE C 224 29.75 26.51 -5.70
CB MSE C 224 27.91 24.97 -7.64
CG MSE C 224 26.99 24.09 -6.81
SE MSE C 224 27.00 22.25 -7.46
CE MSE C 224 28.03 21.44 -5.96
N PHE C 225 27.71 26.71 -4.80
CA PHE C 225 28.16 26.72 -3.42
C PHE C 225 27.48 25.56 -2.69
N LEU C 226 28.27 24.72 -2.04
CA LEU C 226 27.76 23.62 -1.26
C LEU C 226 27.90 23.95 0.24
N ALA C 227 26.79 23.90 0.96
CA ALA C 227 26.80 24.16 2.40
C ALA C 227 25.72 23.36 3.14
N SER C 228 25.76 23.38 4.48
CA SER C 228 24.76 22.70 5.29
C SER C 228 23.38 23.33 5.17
N GLY C 229 22.36 22.47 5.09
CA GLY C 229 20.97 22.89 5.23
C GLY C 229 20.42 22.78 6.64
N PHE C 230 21.19 22.16 7.54
CA PHE C 230 20.76 21.98 8.93
C PHE C 230 21.10 23.19 9.77
N ASP C 231 22.35 23.63 9.68
CA ASP C 231 22.78 24.90 10.25
C ASP C 231 23.03 25.89 9.11
N LEU C 232 22.17 26.89 9.00
CA LEU C 232 22.15 27.75 7.82
C LEU C 232 23.10 28.96 7.88
N SER C 233 23.97 29.02 8.89
CA SER C 233 24.81 30.20 9.10
C SER C 233 25.87 30.38 8.00
N VAL C 234 26.48 29.29 7.53
CA VAL C 234 27.42 29.36 6.42
C VAL C 234 26.76 29.93 5.16
N ALA C 235 25.62 29.36 4.78
CA ALA C 235 24.86 29.84 3.61
C ALA C 235 24.39 31.29 3.78
N LYS C 236 23.86 31.59 4.96
CA LYS C 236 23.41 32.95 5.26
C LYS C 236 24.53 33.97 5.08
N THR C 237 25.67 33.70 5.68
CA THR C 237 26.81 34.62 5.66
C THR C 237 27.35 34.82 4.24
N PHE C 238 27.36 33.74 3.46
CA PHE C 238 27.85 33.81 2.08
C PHE C 238 26.91 34.66 1.22
N LEU C 239 25.61 34.44 1.33
CA LEU C 239 24.65 35.10 0.46
C LEU C 239 24.20 36.49 0.95
N LEU C 240 24.12 36.68 2.25
CA LEU C 240 23.65 37.94 2.83
C LEU C 240 24.78 38.87 3.29
N GLU C 241 25.95 38.30 3.61
CA GLU C 241 27.10 39.08 4.07
C GLU C 241 28.32 38.93 3.15
N ASP C 242 28.11 38.30 1.99
CA ASP C 242 29.20 38.01 1.05
C ASP C 242 30.54 37.67 1.72
N LYS C 243 30.48 36.71 2.65
CA LYS C 243 31.69 36.15 3.26
C LYS C 243 31.59 34.62 3.35
N GLN C 244 32.63 33.93 2.90
CA GLN C 244 32.69 32.47 2.99
C GLN C 244 33.34 32.03 4.30
N ILE C 245 32.52 31.55 5.23
CA ILE C 245 33.01 31.07 6.53
C ILE C 245 32.88 29.56 6.64
N GLY C 246 32.58 28.92 5.50
CA GLY C 246 32.33 27.48 5.43
C GLY C 246 31.96 27.08 4.02
N GLY C 247 31.54 25.83 3.85
CA GLY C 247 31.12 25.34 2.54
C GLY C 247 32.21 25.22 1.51
N THR C 248 31.81 24.88 0.29
CA THR C 248 32.72 24.75 -0.83
C THR C 248 32.14 25.52 -2.01
N LEU C 249 32.94 26.41 -2.59
CA LEU C 249 32.55 27.23 -3.71
C LEU C 249 33.24 26.68 -4.96
N PHE C 250 32.43 26.40 -5.98
CA PHE C 250 32.91 25.92 -7.25
C PHE C 250 32.73 27.08 -8.23
N GLU C 251 33.82 27.55 -8.84
CA GLU C 251 33.73 28.68 -9.78
C GLU C 251 34.90 28.70 -10.74
N LYS D 2 -13.26 -2.99 -14.80
CA LYS D 2 -13.61 -1.95 -15.81
C LYS D 2 -13.06 -0.61 -15.33
N ARG D 3 -12.47 0.15 -16.25
CA ARG D 3 -11.77 1.36 -15.91
C ARG D 3 -12.35 2.50 -16.70
N ILE D 4 -12.60 3.62 -16.04
CA ILE D 4 -13.07 4.80 -16.74
C ILE D 4 -12.20 6.02 -16.40
N VAL D 5 -12.21 6.97 -17.33
CA VAL D 5 -11.63 8.29 -17.13
C VAL D 5 -12.81 9.24 -17.12
N VAL D 6 -12.86 10.08 -16.11
CA VAL D 6 -13.84 11.15 -16.03
C VAL D 6 -13.11 12.47 -16.24
N LYS D 7 -13.58 13.26 -17.19
CA LYS D 7 -12.99 14.56 -17.49
C LYS D 7 -13.98 15.65 -17.12
N VAL D 8 -13.56 16.57 -16.25
CA VAL D 8 -14.37 17.75 -15.90
C VAL D 8 -13.70 19.06 -16.38
N GLY D 9 -14.43 19.76 -17.24
CA GLY D 9 -13.97 21.02 -17.78
C GLY D 9 -14.01 22.15 -16.77
N SER D 10 -13.39 23.24 -17.16
CA SER D 10 -13.24 24.40 -16.32
C SER D 10 -14.60 24.97 -15.89
N HIS D 11 -15.55 25.04 -16.82
CA HIS D 11 -16.89 25.57 -16.53
C HIS D 11 -17.59 24.75 -15.43
N VAL D 12 -17.40 23.44 -15.46
CA VAL D 12 -18.07 22.53 -14.54
C VAL D 12 -17.69 22.77 -13.08
N ILE D 13 -16.43 23.11 -12.81
CA ILE D 13 -16.00 23.24 -11.42
C ILE D 13 -15.63 24.65 -10.97
N SER D 14 -15.78 25.62 -11.86
CA SER D 14 -15.51 27.02 -11.51
C SER D 14 -16.58 27.97 -12.01
N GLU D 15 -16.75 29.05 -11.25
CA GLU D 15 -17.57 30.16 -11.66
C GLU D 15 -16.66 31.17 -12.33
N GLU D 16 -17.24 32.28 -12.74
CA GLU D 16 -16.52 33.32 -13.42
C GLU D 16 -15.26 33.70 -12.62
N ASN D 17 -15.43 33.94 -11.33
CA ASN D 17 -14.36 34.49 -10.49
C ASN D 17 -14.01 33.68 -9.24
N THR D 18 -14.66 32.52 -9.07
CA THR D 18 -14.39 31.61 -7.96
C THR D 18 -14.54 30.16 -8.42
N LEU D 19 -14.06 29.24 -7.60
CA LEU D 19 -14.34 27.82 -7.76
C LEU D 19 -15.78 27.54 -7.31
N SER D 20 -16.47 26.62 -7.98
CA SER D 20 -17.79 26.19 -7.53
C SER D 20 -17.66 25.03 -6.56
N PHE D 21 -17.61 25.33 -5.27
CA PHE D 21 -17.52 24.28 -4.25
C PHE D 21 -18.75 23.39 -4.23
N GLU D 22 -19.93 23.96 -4.49
CA GLU D 22 -21.15 23.17 -4.70
C GLU D 22 -20.96 22.06 -5.72
N ARG D 23 -20.62 22.43 -6.95
CA ARG D 23 -20.46 21.46 -8.04
C ARG D 23 -19.28 20.52 -7.87
N LEU D 24 -18.22 20.99 -7.19
CA LEU D 24 -17.08 20.14 -6.82
C LEU D 24 -17.47 19.11 -5.74
N LYS D 25 -18.30 19.53 -4.81
CA LYS D 25 -18.81 18.64 -3.78
C LYS D 25 -19.68 17.56 -4.42
N ASN D 26 -20.56 17.97 -5.32
CA ASN D 26 -21.42 17.06 -6.08
C ASN D 26 -20.61 16.09 -6.94
N LEU D 27 -19.52 16.59 -7.52
CA LEU D 27 -18.63 15.77 -8.34
C LEU D 27 -17.90 14.74 -7.52
N VAL D 28 -17.34 15.14 -6.39
CA VAL D 28 -16.54 14.24 -5.56
C VAL D 28 -17.38 13.10 -4.96
N ALA D 29 -18.61 13.40 -4.55
CA ALA D 29 -19.55 12.39 -4.07
C ALA D 29 -19.83 11.37 -5.16
N PHE D 30 -20.06 11.87 -6.38
CA PHE D 30 -20.27 11.05 -7.57
C PHE D 30 -19.08 10.13 -7.85
N LEU D 31 -17.87 10.69 -7.75
CA LEU D 31 -16.65 9.93 -7.93
C LEU D 31 -16.47 8.84 -6.86
N ALA D 32 -16.80 9.16 -5.61
CA ALA D 32 -16.75 8.19 -4.51
C ALA D 32 -17.63 6.96 -4.80
N LYS D 33 -18.84 7.20 -5.29
CA LYS D 33 -19.73 6.09 -5.68
C LYS D 33 -19.18 5.30 -6.88
N LEU D 34 -18.65 6.03 -7.87
CA LEU D 34 -18.06 5.39 -9.06
C LEU D 34 -16.92 4.45 -8.72
N MSE D 35 -16.15 4.81 -7.70
CA MSE D 35 -14.99 4.04 -7.31
C MSE D 35 -15.33 2.70 -6.64
O MSE D 35 -14.47 1.81 -6.53
CB MSE D 35 -14.08 4.89 -6.41
CG MSE D 35 -13.33 5.99 -7.18
SE MSE D 35 -12.31 7.17 -6.03
CE MSE D 35 -13.39 8.54 -5.75
N GLU D 36 -16.57 2.55 -6.19
CA GLU D 36 -17.06 1.25 -5.72
C GLU D 36 -17.25 0.30 -6.89
N LYS D 37 -17.68 0.85 -8.02
CA LYS D 37 -18.09 0.07 -9.19
C LYS D 37 -16.99 -0.01 -10.26
N TYR D 38 -16.10 0.98 -10.27
CA TYR D 38 -15.08 1.07 -11.31
C TYR D 38 -13.70 1.43 -10.78
N GLU D 39 -12.70 1.15 -11.60
CA GLU D 39 -11.42 1.85 -11.51
C GLU D 39 -11.58 3.21 -12.19
N VAL D 40 -11.20 4.27 -11.50
CA VAL D 40 -11.52 5.63 -11.93
C VAL D 40 -10.29 6.52 -12.01
N ILE D 41 -10.19 7.27 -13.11
CA ILE D 41 -9.18 8.31 -13.28
C ILE D 41 -9.89 9.63 -13.53
N LEU D 42 -9.49 10.68 -12.81
CA LEU D 42 -10.04 12.02 -13.00
C LEU D 42 -9.08 12.89 -13.80
N VAL D 43 -9.59 13.52 -14.84
CA VAL D 43 -8.87 14.58 -15.53
C VAL D 43 -9.61 15.87 -15.22
N THR D 44 -8.91 16.80 -14.57
CA THR D 44 -9.49 18.06 -14.13
C THR D 44 -8.90 19.26 -14.90
N SER D 45 -9.70 20.30 -15.13
CA SER D 45 -9.16 21.60 -15.49
C SER D 45 -9.29 22.51 -14.25
N ALA D 46 -9.25 23.82 -14.48
CA ALA D 46 -9.62 24.86 -13.49
C ALA D 46 -8.51 25.25 -12.53
N ALA D 47 -7.29 24.81 -12.82
CA ALA D 47 -6.11 25.28 -12.08
C ALA D 47 -5.95 26.81 -12.26
N ILE D 48 -6.24 27.31 -13.45
CA ILE D 48 -6.19 28.76 -13.71
C ILE D 48 -7.23 29.53 -12.89
N SER D 49 -8.47 29.00 -12.84
CA SER D 49 -9.53 29.58 -12.01
C SER D 49 -9.14 29.63 -10.54
N ALA D 50 -8.60 28.52 -10.05
CA ALA D 50 -8.09 28.42 -8.69
C ALA D 50 -7.01 29.47 -8.41
N GLY D 51 -6.08 29.62 -9.34
CA GLY D 51 -5.03 30.62 -9.21
C GLY D 51 -5.56 32.05 -9.21
N HIS D 52 -6.60 32.30 -10.01
CA HIS D 52 -7.25 33.61 -10.08
C HIS D 52 -7.85 34.05 -8.73
N THR D 53 -8.30 33.08 -7.92
CA THR D 53 -8.84 33.39 -6.59
C THR D 53 -7.76 33.85 -5.63
N LYS D 54 -6.50 33.62 -5.98
CA LYS D 54 -5.36 34.00 -5.17
C LYS D 54 -4.57 35.18 -5.75
N LEU D 55 -4.69 35.43 -7.06
CA LEU D 55 -3.85 36.41 -7.75
C LEU D 55 -4.60 37.10 -8.90
N ASP D 56 -4.63 38.43 -8.85
CA ASP D 56 -5.55 39.24 -9.64
C ASP D 56 -5.04 39.67 -11.02
N ILE D 57 -4.04 38.98 -11.56
CA ILE D 57 -3.47 39.33 -12.87
C ILE D 57 -4.43 39.00 -14.00
N ASP D 58 -4.18 39.58 -15.17
CA ASP D 58 -5.09 39.47 -16.31
C ASP D 58 -5.05 38.06 -16.91
N ARG D 59 -6.20 37.41 -16.89
CA ARG D 59 -6.32 36.00 -17.30
C ARG D 59 -6.23 35.76 -18.79
N LYS D 60 -6.32 36.82 -19.60
CA LYS D 60 -6.34 36.66 -21.05
C LYS D 60 -4.97 36.38 -21.63
N ASN D 61 -3.94 36.91 -20.97
CA ASN D 61 -2.55 36.76 -21.36
C ASN D 61 -2.05 35.33 -21.09
N LEU D 62 -1.47 34.70 -22.10
CA LEU D 62 -1.10 33.29 -22.03
C LEU D 62 -0.03 32.95 -20.97
N ILE D 63 1.02 33.75 -20.90
CA ILE D 63 2.03 33.54 -19.87
C ILE D 63 1.43 33.76 -18.49
N ASN D 64 0.52 34.73 -18.35
CA ASN D 64 -0.25 34.89 -17.10
C ASN D 64 -1.02 33.61 -16.70
N LYS D 65 -1.61 32.93 -17.68
CA LYS D 65 -2.33 31.68 -17.43
C LYS D 65 -1.45 30.56 -16.88
N GLN D 66 -0.23 30.45 -17.40
CA GLN D 66 0.78 29.54 -16.85
C GLN D 66 1.09 29.85 -15.40
N VAL D 67 1.25 31.13 -15.09
CA VAL D 67 1.54 31.55 -13.72
C VAL D 67 0.37 31.19 -12.79
N LEU D 68 -0.84 31.47 -13.26
CA LEU D 68 -2.06 31.20 -12.46
C LEU D 68 -2.22 29.69 -12.21
N ALA D 69 -1.98 28.89 -13.23
CA ALA D 69 -1.97 27.44 -13.13
C ALA D 69 -0.92 26.94 -12.13
N ALA D 70 0.27 27.52 -12.15
CA ALA D 70 1.35 27.12 -11.23
C ALA D 70 0.93 27.35 -9.78
N ILE D 71 0.27 28.48 -9.54
CA ILE D 71 -0.25 28.82 -8.22
C ILE D 71 -1.48 27.99 -7.89
N GLY D 72 -2.38 27.85 -8.85
CA GLY D 72 -3.69 27.26 -8.60
C GLY D 72 -3.70 25.74 -8.55
N GLN D 73 -2.82 25.09 -9.30
CA GLN D 73 -2.86 23.64 -9.42
C GLN D 73 -2.75 22.92 -8.07
N PRO D 74 -1.68 23.20 -7.30
CA PRO D 74 -1.61 22.53 -6.01
C PRO D 74 -2.75 22.90 -5.07
N PHE D 75 -3.21 24.14 -5.13
CA PHE D 75 -4.37 24.54 -4.33
C PHE D 75 -5.63 23.75 -4.73
N LEU D 76 -5.81 23.50 -6.02
CA LEU D 76 -6.99 22.75 -6.50
C LEU D 76 -6.94 21.30 -6.02
N ILE D 77 -5.77 20.68 -6.06
CA ILE D 77 -5.60 19.33 -5.54
C ILE D 77 -5.95 19.29 -4.05
N SER D 78 -5.49 20.30 -3.29
CA SER D 78 -5.82 20.39 -1.87
C SER D 78 -7.34 20.46 -1.67
N VAL D 79 -8.04 21.18 -2.54
CA VAL D 79 -9.51 21.28 -2.49
C VAL D 79 -10.10 19.91 -2.70
N TYR D 80 -9.70 19.25 -3.79
CA TYR D 80 -10.14 17.87 -4.06
C TYR D 80 -9.90 16.95 -2.86
N ASN D 81 -8.71 17.00 -2.28
CA ASN D 81 -8.35 16.17 -1.13
C ASN D 81 -9.21 16.46 0.11
N GLU D 82 -9.46 17.74 0.39
CA GLU D 82 -10.38 18.16 1.45
C GLU D 82 -11.71 17.47 1.28
N LEU D 83 -12.26 17.57 0.07
CA LEU D 83 -13.52 16.97 -0.26
C LEU D 83 -13.49 15.44 -0.27
N LEU D 84 -12.38 14.84 -0.71
CA LEU D 84 -12.27 13.37 -0.74
C LEU D 84 -12.18 12.74 0.66
N ALA D 85 -11.64 13.50 1.62
CA ALA D 85 -11.50 13.03 3.00
C ALA D 85 -12.86 12.71 3.66
N LYS D 86 -13.93 13.33 3.18
CA LYS D 86 -15.28 13.01 3.65
C LYS D 86 -15.60 11.52 3.41
N PHE D 87 -14.98 10.95 2.38
CA PHE D 87 -15.12 9.54 2.05
C PHE D 87 -13.86 8.74 2.37
N ASN D 88 -13.03 9.25 3.27
CA ASN D 88 -11.74 8.65 3.62
C ASN D 88 -10.89 8.27 2.40
N LYS D 89 -10.87 9.14 1.39
CA LYS D 89 -10.11 8.92 0.15
C LYS D 89 -9.02 9.99 -0.04
N LEU D 90 -7.99 9.62 -0.80
CA LEU D 90 -6.91 10.52 -1.19
C LEU D 90 -6.86 10.66 -2.69
N GLY D 91 -6.41 11.83 -3.15
CA GLY D 91 -6.14 12.07 -4.55
C GLY D 91 -4.64 12.22 -4.75
N GLY D 92 -4.16 11.80 -5.92
CA GLY D 92 -2.76 12.03 -6.28
C GLY D 92 -2.63 12.88 -7.53
N GLN D 93 -1.65 13.78 -7.50
CA GLN D 93 -1.44 14.70 -8.61
C GLN D 93 -0.61 14.07 -9.70
N ILE D 94 -1.12 14.10 -10.93
CA ILE D 94 -0.31 13.75 -12.11
C ILE D 94 -0.40 14.88 -13.15
N LEU D 95 0.74 15.37 -13.59
CA LEU D 95 0.79 16.41 -14.61
C LEU D 95 1.39 15.82 -15.89
N LEU D 96 0.65 15.95 -16.99
CA LEU D 96 1.04 15.35 -18.26
C LEU D 96 0.86 16.35 -19.41
N THR D 97 1.54 16.07 -20.51
CA THR D 97 1.37 16.83 -21.74
C THR D 97 1.06 15.89 -22.88
N GLY D 98 0.57 16.44 -23.99
CA GLY D 98 0.34 15.67 -25.21
C GLY D 98 1.62 14.99 -25.65
N LYS D 99 2.73 15.70 -25.52
CA LYS D 99 4.04 15.20 -25.91
C LYS D 99 4.48 13.97 -25.13
N ASP D 100 4.18 13.94 -23.84
CA ASP D 100 4.45 12.77 -22.98
C ASP D 100 3.80 11.51 -23.51
N PHE D 101 2.61 11.65 -24.08
CA PHE D 101 1.92 10.51 -24.65
C PHE D 101 2.56 9.98 -25.96
N ASP D 102 3.43 10.78 -26.58
CA ASP D 102 4.26 10.30 -27.68
C ASP D 102 5.49 9.52 -27.22
N SER D 103 5.94 9.74 -25.99
CA SER D 103 7.09 9.04 -25.42
C SER D 103 6.70 7.72 -24.74
N ARG D 104 7.19 6.59 -25.25
CA ARG D 104 6.90 5.28 -24.62
C ARG D 104 7.38 5.22 -23.16
N LYS D 105 8.54 5.83 -22.91
CA LYS D 105 9.13 5.85 -21.58
C LYS D 105 8.31 6.70 -20.59
N ALA D 106 7.83 7.87 -21.02
CA ALA D 106 7.11 8.77 -20.14
C ALA D 106 5.73 8.20 -19.83
N THR D 107 5.07 7.69 -20.87
CA THR D 107 3.76 7.07 -20.73
C THR D 107 3.83 5.84 -19.81
N LYS D 108 4.89 5.05 -19.92
CA LYS D 108 5.05 3.87 -19.09
C LYS D 108 5.25 4.22 -17.62
N HIS D 109 6.05 5.23 -17.31
CA HIS D 109 6.24 5.61 -15.91
C HIS D 109 4.94 6.13 -15.32
N ALA D 110 4.17 6.85 -16.13
CA ALA D 110 2.89 7.40 -15.72
C ALA D 110 1.87 6.30 -15.44
N LYS D 111 1.80 5.32 -16.33
CA LYS D 111 0.83 4.24 -16.20
C LYS D 111 1.18 3.37 -14.99
N ASN D 112 2.46 3.15 -14.75
CA ASN D 112 2.92 2.43 -13.55
C ASN D 112 2.40 3.10 -12.26
N ALA D 113 2.63 4.39 -12.13
CA ALA D 113 2.15 5.13 -10.95
C ALA D 113 0.63 5.10 -10.84
N ILE D 114 -0.07 5.35 -11.93
CA ILE D 114 -1.53 5.31 -11.97
C ILE D 114 -2.10 3.94 -11.65
N ASP D 115 -1.54 2.88 -12.25
CA ASP D 115 -1.95 1.51 -11.94
C ASP D 115 -1.85 1.23 -10.44
N MSE D 116 -0.72 1.62 -9.82
CA MSE D 116 -0.53 1.39 -8.39
C MSE D 116 -1.47 2.23 -7.50
O MSE D 116 -1.99 1.73 -6.51
CB MSE D 116 0.91 1.65 -7.94
CG MSE D 116 1.09 1.34 -6.47
SE MSE D 116 2.92 1.18 -5.83
CE MSE D 116 2.55 0.20 -4.02
N MSE D 117 -1.67 3.50 -7.85
CA MSE D 117 -2.62 4.35 -7.13
C MSE D 117 -4.01 3.69 -7.11
O MSE D 117 -4.64 3.61 -6.06
CB MSE D 117 -2.72 5.73 -7.77
CG MSE D 117 -1.51 6.62 -7.48
SE MSE D 117 -1.63 8.36 -8.42
CE MSE D 117 -2.92 9.04 -7.51
N ILE D 118 -4.45 3.23 -8.26
CA ILE D 118 -5.76 2.61 -8.38
C ILE D 118 -5.85 1.35 -7.51
N ASN D 119 -4.83 0.48 -7.55
CA ASN D 119 -4.79 -0.70 -6.69
C ASN D 119 -4.91 -0.37 -5.18
N LEU D 120 -4.26 0.71 -4.77
CA LEU D 120 -4.28 1.11 -3.36
C LEU D 120 -5.50 1.94 -2.98
N GLY D 121 -6.28 2.39 -3.95
CA GLY D 121 -7.51 3.15 -3.68
C GLY D 121 -7.36 4.65 -3.79
N ILE D 122 -6.20 5.12 -4.27
CA ILE D 122 -5.95 6.54 -4.48
C ILE D 122 -6.49 6.98 -5.83
N LEU D 123 -7.17 8.13 -5.84
CA LEU D 123 -7.72 8.68 -7.07
C LEU D 123 -6.65 9.43 -7.85
N PRO D 124 -6.25 8.91 -9.02
CA PRO D 124 -5.35 9.73 -9.85
C PRO D 124 -6.06 10.95 -10.40
N ILE D 125 -5.46 12.12 -10.20
CA ILE D 125 -6.00 13.38 -10.71
C ILE D 125 -5.00 14.00 -11.66
N ILE D 126 -5.37 14.02 -12.94
CA ILE D 126 -4.52 14.46 -14.03
C ILE D 126 -4.93 15.87 -14.51
N ASN D 127 -3.92 16.65 -14.89
CA ASN D 127 -4.12 17.95 -15.55
C ASN D 127 -2.89 18.15 -16.47
N GLU D 128 -2.99 19.09 -17.39
CA GLU D 128 -1.85 19.42 -18.24
C GLU D 128 -0.73 20.05 -17.41
N ASN D 129 0.53 19.75 -17.76
CA ASN D 129 1.67 20.44 -17.14
C ASN D 129 1.84 21.80 -17.84
N ASP D 130 1.29 22.82 -17.22
CA ASP D 130 1.22 24.13 -17.85
C ASP D 130 2.52 24.93 -17.73
N ALA D 131 3.54 24.31 -17.14
CA ALA D 131 4.90 24.83 -17.20
C ALA D 131 5.52 24.58 -18.58
N THR D 132 5.36 23.36 -19.09
CA THR D 132 6.08 22.90 -20.29
C THR D 132 5.24 22.79 -21.56
N ALA D 133 3.90 22.82 -21.41
CA ALA D 133 2.99 22.79 -22.55
C ALA D 133 1.84 23.75 -22.32
N ILE D 134 1.33 24.32 -23.40
CA ILE D 134 0.26 25.32 -23.34
C ILE D 134 -0.94 24.97 -24.21
N GLU D 135 -0.90 23.80 -24.86
CA GLU D 135 -1.88 23.40 -25.86
C GLU D 135 -3.32 23.44 -25.34
N GLU D 136 -3.56 22.79 -24.20
CA GLU D 136 -4.90 22.71 -23.61
C GLU D 136 -5.34 24.05 -22.98
N ILE D 137 -4.39 24.86 -22.52
CA ILE D 137 -4.69 26.22 -22.08
C ILE D 137 -5.25 27.06 -23.22
N VAL D 138 -4.67 26.91 -24.40
CA VAL D 138 -5.01 27.73 -25.56
C VAL D 138 -6.32 27.28 -26.21
N PHE D 139 -6.48 25.95 -26.35
CA PHE D 139 -7.64 25.40 -27.02
C PHE D 139 -7.87 23.94 -26.67
N GLY D 140 -8.97 23.68 -25.97
CA GLY D 140 -9.42 22.31 -25.74
C GLY D 140 -9.78 21.98 -24.31
N ASP D 141 -9.16 22.66 -23.35
CA ASP D 141 -9.56 22.54 -21.95
C ASP D 141 -9.50 21.09 -21.45
N ASN D 142 -8.47 20.36 -21.93
CA ASN D 142 -8.17 18.95 -21.55
C ASN D 142 -8.99 17.83 -22.24
N ASP D 143 -9.77 18.14 -23.26
CA ASP D 143 -10.49 17.11 -24.02
C ASP D 143 -9.52 16.08 -24.64
N SER D 144 -8.57 16.57 -25.45
CA SER D 144 -7.63 15.68 -26.11
C SER D 144 -6.76 14.92 -25.12
N LEU D 145 -6.29 15.61 -24.09
CA LEU D 145 -5.49 14.99 -23.04
C LEU D 145 -6.24 13.84 -22.38
N SER D 146 -7.52 14.05 -22.06
CA SER D 146 -8.34 13.00 -21.44
C SER D 146 -8.52 11.79 -22.37
N ALA D 147 -8.64 12.05 -23.68
CA ALA D 147 -8.75 11.00 -24.70
C ALA D 147 -7.49 10.15 -24.78
N TYR D 148 -6.33 10.80 -24.80
CA TYR D 148 -5.04 10.12 -24.79
C TYR D 148 -4.82 9.31 -23.52
N ALA D 149 -5.23 9.86 -22.38
CA ALA D 149 -5.16 9.13 -21.10
C ALA D 149 -6.05 7.90 -21.08
N THR D 150 -7.25 8.02 -21.62
CA THR D 150 -8.18 6.89 -21.76
C THR D 150 -7.53 5.75 -22.54
N HIS D 151 -6.95 6.06 -23.70
CA HIS D 151 -6.33 5.00 -24.50
C HIS D 151 -5.09 4.45 -23.80
N PHE D 152 -4.13 5.33 -23.51
CA PHE D 152 -2.81 4.88 -23.10
C PHE D 152 -2.77 4.35 -21.67
N PHE D 153 -3.71 4.75 -20.82
CA PHE D 153 -3.82 4.11 -19.51
C PHE D 153 -4.87 2.98 -19.45
N ASP D 154 -5.34 2.52 -20.62
CA ASP D 154 -6.20 1.34 -20.75
C ASP D 154 -7.54 1.46 -20.04
N ALA D 155 -8.25 2.54 -20.31
CA ALA D 155 -9.60 2.68 -19.80
C ALA D 155 -10.55 2.34 -20.93
N ASP D 156 -11.72 1.85 -20.57
CA ASP D 156 -12.68 1.39 -21.54
C ASP D 156 -13.49 2.54 -22.10
N LEU D 157 -13.62 3.59 -21.31
CA LEU D 157 -14.55 4.66 -21.59
C LEU D 157 -14.07 5.99 -21.01
N LEU D 158 -14.18 7.04 -21.83
CA LEU D 158 -14.01 8.40 -21.36
C LEU D 158 -15.36 9.03 -21.16
N VAL D 159 -15.59 9.62 -20.00
CA VAL D 159 -16.78 10.41 -19.75
C VAL D 159 -16.40 11.89 -19.61
N ILE D 160 -16.91 12.71 -20.53
CA ILE D 160 -16.66 14.14 -20.52
C ILE D 160 -17.86 14.84 -19.89
N LEU D 161 -17.67 15.35 -18.69
CA LEU D 161 -18.68 16.19 -18.04
C LEU D 161 -18.51 17.64 -18.50
N SER D 162 -19.60 18.20 -19.02
CA SER D 162 -19.56 19.47 -19.76
C SER D 162 -20.68 20.46 -19.39
N ASP D 163 -20.57 21.66 -19.97
CA ASP D 163 -21.66 22.64 -20.04
C ASP D 163 -22.85 22.04 -20.75
N ILE D 164 -22.58 21.40 -21.88
CA ILE D 164 -23.62 20.78 -22.68
C ILE D 164 -23.97 19.38 -22.23
N ASP D 165 -25.24 19.07 -22.40
CA ASP D 165 -25.84 17.82 -21.99
C ASP D 165 -25.59 16.71 -23.00
N GLY D 166 -25.09 17.06 -24.18
CA GLY D 166 -24.83 16.08 -25.23
C GLY D 166 -24.53 16.72 -26.57
N PHE D 167 -24.33 15.88 -27.58
CA PHE D 167 -24.05 16.33 -28.95
C PHE D 167 -25.35 16.38 -29.78
N TYR D 168 -25.59 17.52 -30.42
CA TYR D 168 -26.83 17.80 -31.14
C TYR D 168 -26.65 17.84 -32.66
N ASP D 169 -27.74 17.69 -33.40
CA ASP D 169 -27.70 17.78 -34.87
C ASP D 169 -27.52 19.21 -35.37
N LYS D 170 -27.77 20.17 -34.49
CA LYS D 170 -27.44 21.59 -34.72
C LYS D 170 -27.14 22.23 -33.38
N ASN D 171 -26.38 23.33 -33.38
CA ASN D 171 -26.01 24.04 -32.15
C ASN D 171 -27.26 24.33 -31.31
N PRO D 172 -27.36 23.73 -30.10
CA PRO D 172 -28.55 23.87 -29.26
C PRO D 172 -28.74 25.27 -28.64
N SER D 173 -27.73 26.13 -28.76
CA SER D 173 -27.88 27.53 -28.42
C SER D 173 -28.44 28.31 -29.62
N GLU D 174 -28.02 27.93 -30.83
CA GLU D 174 -28.41 28.65 -32.04
C GLU D 174 -29.66 28.08 -32.75
N PHE D 175 -30.16 26.96 -32.27
CA PHE D 175 -31.37 26.35 -32.84
C PHE D 175 -32.25 25.80 -31.71
N SER D 176 -33.42 26.41 -31.53
CA SER D 176 -34.34 26.05 -30.44
C SER D 176 -34.99 24.66 -30.62
N ASP D 177 -34.95 24.16 -31.86
CA ASP D 177 -35.49 22.84 -32.19
C ASP D 177 -34.39 21.78 -32.38
N ALA D 178 -33.16 22.11 -31.94
CA ALA D 178 -32.02 21.20 -32.08
C ALA D 178 -32.27 19.86 -31.39
N LYS D 179 -32.11 18.76 -32.13
CA LYS D 179 -32.30 17.42 -31.59
C LYS D 179 -30.99 16.83 -31.11
N ARG D 180 -31.01 16.27 -29.90
CA ARG D 180 -29.85 15.60 -29.33
C ARG D 180 -29.66 14.24 -29.99
N LEU D 181 -28.42 13.94 -30.37
CA LEU D 181 -28.05 12.65 -30.96
C LEU D 181 -27.60 11.72 -29.84
N GLU D 182 -28.22 10.54 -29.76
CA GLU D 182 -28.05 9.65 -28.63
C GLU D 182 -26.83 8.75 -28.79
N LYS D 183 -26.66 8.21 -29.99
CA LYS D 183 -25.54 7.32 -30.32
C LYS D 183 -24.82 7.83 -31.57
N ILE D 184 -23.49 7.88 -31.50
CA ILE D 184 -22.67 8.24 -32.66
C ILE D 184 -21.68 7.12 -32.93
N THR D 185 -21.64 6.69 -34.19
CA THR D 185 -20.84 5.55 -34.64
C THR D 185 -19.66 5.99 -35.50
N HIS D 186 -19.70 7.23 -35.97
CA HIS D 186 -18.70 7.73 -36.91
C HIS D 186 -18.62 9.24 -36.77
N ILE D 187 -17.40 9.74 -36.65
CA ILE D 187 -17.17 11.18 -36.60
C ILE D 187 -16.95 11.66 -38.03
N LYS D 188 -17.88 12.49 -38.49
CA LYS D 188 -17.87 13.05 -39.83
C LYS D 188 -16.79 14.13 -39.92
N GLU D 189 -16.00 14.09 -40.99
CA GLU D 189 -14.93 15.08 -41.21
C GLU D 189 -15.49 16.51 -41.23
N GLU D 190 -16.72 16.67 -41.74
CA GLU D 190 -17.37 17.98 -41.83
C GLU D 190 -17.61 18.64 -40.47
N TRP D 191 -17.79 17.82 -39.43
CA TRP D 191 -17.96 18.33 -38.06
C TRP D 191 -16.64 18.88 -37.52
N LEU D 192 -15.53 18.31 -37.99
CA LEU D 192 -14.20 18.67 -37.53
C LEU D 192 -13.59 19.78 -38.37
N HIS D 202 -8.53 31.42 -28.20
CA HIS D 202 -9.23 30.44 -29.02
C HIS D 202 -10.37 29.78 -28.21
N GLY D 203 -10.08 29.40 -26.96
CA GLY D 203 -11.14 29.06 -25.97
C GLY D 203 -11.11 27.65 -25.35
N THR D 204 -12.24 27.25 -24.77
CA THR D 204 -12.35 25.92 -24.13
C THR D 204 -12.53 24.79 -25.15
N GLY D 205 -12.59 25.11 -26.44
CA GLY D 205 -12.61 24.10 -27.49
C GLY D 205 -13.97 23.89 -28.14
N GLY D 206 -15.02 24.04 -27.35
CA GLY D 206 -16.38 23.82 -27.88
C GLY D 206 -16.60 22.36 -28.19
N ILE D 207 -17.62 22.10 -29.02
CA ILE D 207 -18.00 20.74 -29.41
C ILE D 207 -16.92 20.05 -30.25
N VAL D 208 -16.13 20.82 -30.98
CA VAL D 208 -15.22 20.22 -31.97
C VAL D 208 -14.06 19.45 -31.33
N THR D 209 -13.53 19.98 -30.23
CA THR D 209 -12.47 19.29 -29.49
C THR D 209 -13.04 18.03 -28.84
N LYS D 210 -14.31 18.06 -28.47
CA LYS D 210 -15.01 16.85 -27.99
C LYS D 210 -15.19 15.78 -29.07
N LEU D 211 -15.42 16.21 -30.31
CA LEU D 211 -15.56 15.27 -31.42
C LEU D 211 -14.22 14.72 -31.89
N LYS D 212 -13.17 15.55 -31.87
CA LYS D 212 -11.82 15.05 -32.18
C LYS D 212 -11.39 13.97 -31.16
N ALA D 213 -11.73 14.19 -29.89
CA ALA D 213 -11.50 13.19 -28.83
C ALA D 213 -12.24 11.89 -29.12
N ALA D 214 -13.52 11.99 -29.45
CA ALA D 214 -14.32 10.82 -29.81
C ALA D 214 -13.73 10.07 -31.00
N LYS D 215 -13.30 10.82 -32.01
CA LYS D 215 -12.70 10.22 -33.22
C LYS D 215 -11.46 9.42 -32.85
N PHE D 216 -10.57 10.05 -32.09
CA PHE D 216 -9.38 9.38 -31.59
C PHE D 216 -9.74 8.06 -30.90
N LEU D 217 -10.72 8.11 -30.01
CA LEU D 217 -11.10 6.92 -29.22
C LEU D 217 -11.72 5.82 -30.05
N LEU D 218 -12.62 6.18 -30.96
CA LEU D 218 -13.23 5.19 -31.86
C LEU D 218 -12.16 4.50 -32.71
N GLU D 219 -11.19 5.27 -33.18
CA GLU D 219 -10.05 4.72 -33.91
C GLU D 219 -9.21 3.73 -33.07
N HIS D 220 -9.31 3.81 -31.75
CA HIS D 220 -8.63 2.88 -30.84
C HIS D 220 -9.57 1.94 -30.09
N ASN D 221 -10.74 1.69 -30.68
CA ASN D 221 -11.68 0.68 -30.17
C ASN D 221 -12.11 0.99 -28.73
N LYS D 222 -12.33 2.27 -28.45
CA LYS D 222 -12.78 2.70 -27.14
C LYS D 222 -14.00 3.62 -27.27
N LYS D 223 -14.61 3.95 -26.13
CA LYS D 223 -15.88 4.65 -26.13
C LYS D 223 -15.82 5.99 -25.40
N MSE D 224 -16.75 6.86 -25.72
CA MSE D 224 -16.86 8.17 -25.07
C MSE D 224 -18.33 8.53 -24.79
O MSE D 224 -19.20 8.36 -25.64
CB MSE D 224 -16.22 9.25 -25.95
CG MSE D 224 -15.89 10.49 -25.17
SE MSE D 224 -15.26 11.99 -26.24
CE MSE D 224 -17.01 12.71 -26.91
N PHE D 225 -18.59 9.01 -23.57
CA PHE D 225 -19.93 9.47 -23.20
C PHE D 225 -19.88 10.96 -22.85
N LEU D 226 -20.63 11.76 -23.59
CA LEU D 226 -20.73 13.18 -23.35
C LEU D 226 -22.01 13.47 -22.57
N ALA D 227 -21.88 14.16 -21.43
CA ALA D 227 -23.04 14.51 -20.60
C ALA D 227 -22.75 15.75 -19.78
N SER D 228 -23.78 16.23 -19.09
CA SER D 228 -23.70 17.44 -18.27
C SER D 228 -22.92 17.22 -16.98
N GLY D 229 -22.18 18.26 -16.58
CA GLY D 229 -21.49 18.28 -15.29
C GLY D 229 -22.18 19.19 -14.28
N PHE D 230 -23.21 19.89 -14.73
CA PHE D 230 -24.03 20.73 -13.84
C PHE D 230 -25.14 19.91 -13.18
N ASP D 231 -25.77 19.03 -13.96
CA ASP D 231 -26.74 18.07 -13.43
C ASP D 231 -26.23 16.66 -13.73
N LEU D 232 -25.86 15.93 -12.68
CA LEU D 232 -25.18 14.64 -12.82
C LEU D 232 -26.10 13.44 -13.05
N SER D 233 -27.41 13.67 -13.04
CA SER D 233 -28.42 12.62 -13.25
C SER D 233 -28.12 11.72 -14.43
N VAL D 234 -27.95 12.32 -15.59
CA VAL D 234 -27.75 11.54 -16.81
C VAL D 234 -26.49 10.69 -16.69
N ALA D 235 -25.39 11.28 -16.25
CA ALA D 235 -24.13 10.56 -16.10
C ALA D 235 -24.22 9.46 -15.04
N LYS D 236 -24.86 9.78 -13.91
CA LYS D 236 -25.08 8.81 -12.83
C LYS D 236 -25.92 7.64 -13.28
N THR D 237 -26.99 7.93 -14.02
CA THR D 237 -27.91 6.88 -14.49
C THR D 237 -27.21 5.97 -15.49
N PHE D 238 -26.42 6.57 -16.39
CA PHE D 238 -25.63 5.80 -17.35
C PHE D 238 -24.61 4.90 -16.68
N LEU D 239 -23.86 5.45 -15.71
CA LEU D 239 -22.74 4.73 -15.11
C LEU D 239 -23.11 3.83 -13.94
N LEU D 240 -24.08 4.24 -13.14
CA LEU D 240 -24.47 3.47 -11.95
C LEU D 240 -25.69 2.56 -12.17
N GLU D 241 -26.61 2.99 -13.03
CA GLU D 241 -27.85 2.24 -13.31
C GLU D 241 -27.87 1.70 -14.75
N ASP D 242 -26.81 1.95 -15.51
CA ASP D 242 -26.59 1.32 -16.81
C ASP D 242 -27.76 1.52 -17.78
N LYS D 243 -28.22 2.75 -17.87
CA LYS D 243 -29.28 3.14 -18.78
C LYS D 243 -29.03 4.57 -19.25
N GLN D 244 -29.16 4.79 -20.56
CA GLN D 244 -28.95 6.11 -21.14
C GLN D 244 -30.28 6.88 -21.21
N ILE D 245 -30.40 7.92 -20.39
CA ILE D 245 -31.56 8.81 -20.41
C ILE D 245 -31.18 10.20 -20.94
N GLY D 246 -29.95 10.33 -21.40
CA GLY D 246 -29.46 11.62 -21.91
C GLY D 246 -28.07 11.47 -22.53
N GLY D 247 -27.44 12.60 -22.83
CA GLY D 247 -26.07 12.61 -23.36
C GLY D 247 -25.90 11.97 -24.72
N THR D 248 -24.65 11.82 -25.14
CA THR D 248 -24.29 11.16 -26.40
C THR D 248 -23.25 10.10 -26.12
N LEU D 249 -23.51 8.89 -26.61
CA LEU D 249 -22.58 7.77 -26.50
C LEU D 249 -21.91 7.51 -27.85
N PHE D 250 -20.59 7.63 -27.89
CA PHE D 250 -19.79 7.35 -29.08
C PHE D 250 -19.14 5.98 -28.94
N GLU D 251 -19.42 5.08 -29.86
CA GLU D 251 -18.90 3.70 -29.81
C GLU D 251 -18.85 3.06 -31.18
PB ADP E . -23.84 -12.38 5.19
PB ADP E . -27.09 -6.89 -2.49
O1B ADP E . -23.24 -11.02 5.24
O1B ADP E . -27.02 -8.28 -3.09
O2B ADP E . -24.25 -12.88 6.55
O2B ADP E . -26.24 -5.86 -3.21
O3B ADP E . -23.05 -13.35 4.35
O3B ADP E . -26.97 -6.83 -0.98
PA ADP E . -25.16 -11.44 2.94
PA ADP E . -29.90 -7.20 -2.35
O1A ADP E . -24.95 -9.97 3.22
O1A ADP E . -31.08 -6.26 -2.46
O2A ADP E . -24.18 -12.19 2.08
O2A ADP E . -29.92 -8.50 -3.12
O3A ADP E . -25.22 -12.21 4.35
O3A ADP E . -28.59 -6.38 -2.78
O5' ADP E . -26.63 -11.54 2.27
O5' ADP E . -29.68 -7.48 -0.79
C5' ADP E . -26.93 -10.69 1.16
C5' ADP E . -30.54 -8.39 -0.09
C4' ADP E . -28.41 -10.38 0.92
C4' ADP E . -29.75 -9.44 0.65
O4' ADP E . -29.15 -11.47 0.36
O4' ADP E . -30.63 -10.53 0.96
C3' ADP E . -29.22 -9.94 2.13
C3' ADP E . -28.59 -10.03 -0.15
O3' ADP E . -29.24 -8.52 2.26
O3' ADP E . -27.49 -10.30 0.73
C2' ADP E . -30.62 -10.50 1.85
C2' ADP E . -29.16 -11.31 -0.72
O2' ADP E . -31.64 -9.48 1.93
O2' ADP E . -28.19 -12.32 -0.99
C1' ADP E . -30.51 -11.03 0.43
C1' ADP E . -30.16 -11.73 0.34
N9 ADP E . -31.48 -12.07 0.01
N9 ADP E . -31.31 -12.50 -0.19
C8 ADP E . -31.80 -12.28 -1.29
C8 ADP E . -31.69 -12.66 -1.48
N7 ADP E . -32.71 -13.27 -1.43
N7 ADP E . -32.80 -13.42 -1.55
C5 ADP E . -33.01 -13.71 -0.20
C5 ADP E . -33.14 -13.77 -0.30
C6 ADP E . -33.91 -14.75 0.35
C6 ADP E . -34.22 -14.58 0.30
N6 ADP E . -34.67 -15.49 -0.47
N6 ADP E . -35.13 -15.16 -0.49
N1 ADP E . -33.94 -14.92 1.70
N1 ADP E . -34.23 -14.71 1.65
C2 ADP E . -33.18 -14.15 2.52
C2 ADP E . -33.29 -14.11 2.43
N3 ADP E . -32.33 -13.20 2.08
N3 ADP E . -32.28 -13.36 1.94
C4 ADP E . -32.21 -12.93 0.76
C4 ADP E . -32.17 -13.16 0.60
PB ADP F . 18.80 -24.60 17.58
O1B ADP F . 19.12 -23.88 18.86
O2B ADP F . 19.02 -23.77 16.33
O3B ADP F . 17.50 -25.36 17.58
PA ADP F . 19.93 -27.26 17.89
O1A ADP F . 20.26 -27.33 19.36
O2A ADP F . 18.69 -27.97 17.40
O3A ADP F . 19.97 -25.71 17.43
O5' ADP F . 21.16 -27.84 17.01
C5' ADP F . 22.51 -27.39 17.11
C4' ADP F . 23.28 -28.26 18.11
O4' ADP F . 23.64 -29.52 17.53
C3' ADP F . 24.58 -27.62 18.59
O3' ADP F . 24.39 -26.73 19.71
C2' ADP F . 25.46 -28.81 18.92
O2' ADP F . 25.42 -29.10 20.32
C1' ADP F . 24.88 -29.97 18.10
N9 ADP F . 25.85 -30.44 17.06
C8 ADP F . 26.16 -31.73 16.80
N7 ADP F . 27.07 -31.83 15.80
C5 ADP F . 27.36 -30.58 15.39
C6 ADP F . 28.23 -29.96 14.37
N6 ADP F . 29.00 -30.72 13.58
N1 ADP F . 28.24 -28.62 14.25
C2 ADP F . 27.47 -27.84 15.04
N3 ADP F . 26.66 -28.34 15.99
C4 ADP F . 26.55 -29.68 16.22
PB ADP G . 22.40 15.32 0.54
O1B ADP G . 22.35 15.67 2.01
O2B ADP G . 22.42 16.53 -0.35
O3B ADP G . 21.44 14.24 0.09
PA ADP G . 24.20 13.12 0.40
O1A ADP G . 23.95 12.61 1.80
O2A ADP G . 23.50 12.42 -0.75
O3A ADP G . 23.87 14.69 0.35
O5' ADP G . 25.79 13.13 0.06
C5' ADP G . 26.80 13.51 1.00
C4' ADP G . 27.64 12.32 1.47
O4' ADP G . 28.70 11.96 0.55
C3' ADP G . 28.38 12.61 2.77
O3' ADP G . 27.57 12.49 3.93
C2' ADP G . 29.59 11.69 2.76
O2' ADP G . 29.36 10.51 3.55
C1' ADP G . 29.76 11.33 1.29
N9 ADP G . 31.09 11.76 0.79
C8 ADP G . 31.97 10.93 0.20
N7 ADP G . 33.10 11.59 -0.15
C5 ADP G . 32.94 12.87 0.23
C6 ADP G . 33.76 14.09 0.15
N6 ADP G . 34.98 14.04 -0.41
N1 ADP G . 33.25 15.24 0.65
C2 ADP G . 32.03 15.28 1.21
N3 ADP G . 31.24 14.20 1.31
C4 ADP G . 31.62 12.99 0.85
PB ADP H . -17.15 22.55 -21.90
O1B ADP H . -18.16 23.21 -21.00
O2B ADP H . -17.05 21.07 -21.67
O3B ADP H . -15.82 23.26 -21.97
PA ADP H . -17.78 24.03 -24.28
O1A ADP H . -18.57 25.09 -23.54
O2A ADP H . -16.38 24.35 -24.75
O3A ADP H . -17.74 22.67 -23.41
O5' ADP H . -18.64 23.55 -25.58
C5' ADP H . -20.05 23.35 -25.64
C4' ADP H . -20.70 24.40 -26.56
O4' ADP H . -20.46 24.18 -27.95
C3' ADP H . -22.22 24.41 -26.48
O3' ADP H . -22.68 25.08 -25.30
C2' ADP H . -22.67 25.07 -27.77
O2' ADP H . -22.83 26.48 -27.65
C1' ADP H . -21.53 24.75 -28.73
N9 ADP H . -21.99 23.81 -29.78
C8 ADP H . -21.90 24.06 -31.10
N7 ADP H . -22.39 23.03 -31.83
C5 ADP H . -22.82 22.10 -30.97
C6 ADP H . -23.45 20.77 -31.08
N6 ADP H . -23.71 20.26 -32.30
N1 ADP H . -23.75 20.10 -29.95
C2 ADP H . -23.50 20.63 -28.74
N3 ADP H . -22.92 21.83 -28.56
C4 ADP H . -22.56 22.61 -29.61
#